data_9EO0
#
_entry.id   9EO0
#
_cell.length_a   70.753
_cell.length_b   75.405
_cell.length_c   75.923
_cell.angle_alpha   90
_cell.angle_beta   97.249
_cell.angle_gamma   90
#
_symmetry.space_group_name_H-M   'P 1 21 1'
#
loop_
_entity.id
_entity.type
_entity.pdbx_description
1 polymer 'Programmed cell death 1 ligand 1'
2 non-polymer ~{N}-[3-[3-[[5-[(2-hydroxyethylamino)methyl]pyridin-2-yl]carbonylamino]-2-methyl-phenyl]-2-methyl-phenyl]-5-[[3-(methylsulfonylamino)propylamino]methyl]pyridine-2-carboxamide
3 non-polymer 'SULFATE ION'
4 water water
#
_entity_poly.entity_id   1
_entity_poly.type   'polypeptide(L)'
_entity_poly.pdbx_seq_one_letter_code
;MGSAFTVTVPKDLYVVEYGSNMTIECKFPVEKQLDLAALIVYWEMEDKNIIQFVHGEEDLKVQHSSYRQRARLLKDQLSL
GNAALQITDVKLQDAGVYRCMISYGGADYKRITVKVNAPYAAALEHHHHHH
;
_entity_poly.pdbx_strand_id   A,B,C,D,E,F
#
# COMPACT_ATOMS: atom_id res chain seq x y z
N SER A 3 -7.27 22.44 22.50
CA SER A 3 -7.39 21.60 23.73
C SER A 3 -6.19 20.66 23.93
N ALA A 4 -5.17 20.71 23.04
CA ALA A 4 -3.79 20.33 23.39
C ALA A 4 -3.21 21.36 24.37
N PHE A 5 -2.27 20.89 25.19
CA PHE A 5 -1.42 21.70 26.05
C PHE A 5 -0.72 22.82 25.28
N THR A 6 -0.84 24.05 25.80
CA THR A 6 -0.38 25.27 25.15
C THR A 6 0.45 26.11 26.13
N VAL A 7 1.62 26.57 25.65
CA VAL A 7 2.46 27.49 26.37
C VAL A 7 2.16 28.89 25.83
N THR A 8 2.15 29.88 26.73
CA THR A 8 1.92 31.27 26.37
C THR A 8 3.09 32.12 26.88
N VAL A 9 3.31 33.23 26.17
CA VAL A 9 4.24 34.26 26.58
C VAL A 9 3.45 35.55 26.77
N PRO A 10 3.55 36.21 27.95
CA PRO A 10 2.91 37.52 28.13
C PRO A 10 3.51 38.57 27.19
N LYS A 11 4.82 38.49 26.93
CA LYS A 11 5.48 39.29 25.91
C LYS A 11 6.36 38.40 25.05
N ASP A 12 6.40 38.67 23.75
CA ASP A 12 7.29 37.95 22.84
C ASP A 12 8.49 38.81 22.43
N LEU A 13 8.64 39.98 23.07
CA LEU A 13 9.71 40.93 22.81
C LEU A 13 10.02 41.64 24.12
N TYR A 14 11.24 41.48 24.63
CA TYR A 14 11.74 42.25 25.77
C TYR A 14 12.80 43.24 25.28
N VAL A 15 12.64 44.53 25.65
CA VAL A 15 13.66 45.55 25.43
C VAL A 15 14.30 45.82 26.79
N VAL A 16 15.60 45.49 26.94
CA VAL A 16 16.26 45.58 28.24
C VAL A 16 17.48 46.49 28.11
N GLU A 17 17.86 47.12 29.22
CA GLU A 17 19.00 48.03 29.28
C GLU A 17 20.29 47.25 29.57
N TYR A 18 21.40 47.69 28.96
CA TYR A 18 22.70 47.08 29.21
C TYR A 18 22.94 47.05 30.72
N GLY A 19 23.39 45.89 31.23
CA GLY A 19 23.77 45.75 32.61
C GLY A 19 22.62 45.47 33.57
N SER A 20 21.35 45.66 33.13
CA SER A 20 20.19 45.34 33.95
C SER A 20 20.02 43.83 34.09
N ASN A 21 19.03 43.43 34.91
CA ASN A 21 18.58 42.04 34.96
C ASN A 21 17.31 41.91 34.15
N MET A 22 17.15 40.72 33.59
CA MET A 22 16.10 40.39 32.64
C MET A 22 15.43 39.13 33.19
N THR A 23 14.11 39.14 33.25
CA THR A 23 13.34 37.96 33.59
C THR A 23 12.32 37.73 32.48
N ILE A 24 12.46 36.59 31.78
CA ILE A 24 11.58 36.24 30.68
C ILE A 24 10.77 35.01 31.05
N GLU A 25 9.51 34.99 30.60
CA GLU A 25 8.48 34.13 31.16
C GLU A 25 7.74 33.36 30.07
N CYS A 26 7.53 32.06 30.35
CA CYS A 26 6.60 31.21 29.65
C CYS A 26 5.64 30.59 30.65
N LYS A 27 4.35 30.75 30.38
CA LYS A 27 3.27 30.28 31.23
C LYS A 27 2.77 28.96 30.66
N PHE A 28 2.44 28.00 31.54
CA PHE A 28 1.84 26.74 31.15
C PHE A 28 0.81 26.34 32.19
N PRO A 29 -0.29 25.64 31.80
CA PRO A 29 -1.39 25.32 32.75
C PRO A 29 -0.95 24.33 33.83
N VAL A 30 -1.21 24.69 35.10
CA VAL A 30 -1.15 23.78 36.23
C VAL A 30 -2.53 23.72 36.87
N GLU A 31 -3.23 22.59 36.62
CA GLU A 31 -4.61 22.38 37.00
C GLU A 31 -4.76 22.29 38.52
N LYS A 32 -4.08 21.34 39.16
CA LYS A 32 -4.24 21.07 40.58
C LYS A 32 -2.95 21.58 41.22
N GLN A 33 -2.15 20.69 41.83
CA GLN A 33 -0.83 20.98 42.33
C GLN A 33 0.18 20.67 41.22
N LEU A 34 1.43 21.11 41.43
CA LEU A 34 2.52 20.90 40.48
C LEU A 34 3.09 19.50 40.67
N ASP A 35 3.47 18.85 39.57
CA ASP A 35 4.00 17.49 39.56
C ASP A 35 5.42 17.54 39.00
N LEU A 36 6.41 17.62 39.90
CA LEU A 36 7.81 17.84 39.55
C LEU A 36 8.39 16.70 38.72
N ALA A 37 7.89 15.47 38.93
CA ALA A 37 8.40 14.28 38.26
C ALA A 37 8.09 14.30 36.75
N ALA A 38 6.96 14.90 36.36
CA ALA A 38 6.49 14.92 34.98
C ALA A 38 6.94 16.16 34.18
N LEU A 39 7.71 17.07 34.81
CA LEU A 39 7.97 18.40 34.28
C LEU A 39 9.40 18.46 33.73
N ILE A 40 9.51 18.81 32.44
CA ILE A 40 10.79 19.23 31.85
C ILE A 40 10.63 20.68 31.40
N VAL A 41 11.61 21.53 31.76
CA VAL A 41 11.66 22.90 31.29
C VAL A 41 13.07 23.16 30.77
N TYR A 42 13.17 23.59 29.51
CA TYR A 42 14.44 23.87 28.86
C TYR A 42 14.38 25.28 28.30
N TRP A 43 15.43 26.06 28.54
CA TRP A 43 15.65 27.35 27.90
C TRP A 43 16.92 27.28 27.08
N GLU A 44 16.87 27.71 25.81
CA GLU A 44 18.08 27.83 24.99
C GLU A 44 18.02 29.09 24.14
N MET A 45 19.22 29.49 23.70
CA MET A 45 19.41 30.54 22.71
C MET A 45 20.54 30.11 21.79
N GLU A 46 20.29 30.13 20.48
CA GLU A 46 21.28 29.80 19.45
C GLU A 46 21.99 28.49 19.79
N ASP A 47 21.21 27.49 20.19
CA ASP A 47 21.68 26.15 20.54
C ASP A 47 22.48 26.08 21.83
N LYS A 48 22.64 27.19 22.59
CA LYS A 48 23.35 27.15 23.87
C LYS A 48 22.40 26.75 24.99
N ASN A 49 22.75 25.72 25.76
CA ASN A 49 21.93 25.23 26.87
C ASN A 49 21.99 26.22 28.03
N ILE A 50 20.89 26.94 28.30
CA ILE A 50 20.85 27.96 29.36
C ILE A 50 20.43 27.32 30.69
N ILE A 51 19.28 26.66 30.71
CA ILE A 51 18.78 25.99 31.90
C ILE A 51 18.00 24.77 31.45
N GLN A 52 18.26 23.60 32.04
CA GLN A 52 17.48 22.40 31.81
C GLN A 52 17.00 21.88 33.15
N PHE A 53 15.69 21.85 33.36
CA PHE A 53 15.08 21.34 34.57
C PHE A 53 14.39 20.03 34.24
N VAL A 54 14.99 18.90 34.66
CA VAL A 54 14.44 17.58 34.36
C VAL A 54 14.16 16.86 35.68
N HIS A 55 12.88 16.56 35.91
CA HIS A 55 12.41 15.69 36.98
C HIS A 55 12.80 16.31 38.33
N GLY A 56 12.26 17.51 38.57
CA GLY A 56 12.40 18.19 39.84
C GLY A 56 13.81 18.71 40.16
N GLU A 57 14.75 18.72 39.20
CA GLU A 57 16.09 19.20 39.48
C GLU A 57 16.76 19.72 38.21
N GLU A 58 17.58 20.77 38.34
CA GLU A 58 18.38 21.31 37.24
C GLU A 58 19.60 20.44 36.97
N ASP A 59 20.09 20.48 35.72
CA ASP A 59 21.13 19.56 35.28
C ASP A 59 22.53 20.09 35.61
N LEU A 60 22.88 21.26 35.07
CA LEU A 60 24.07 22.04 35.43
C LEU A 60 25.38 21.52 34.83
N LYS A 61 25.52 20.20 34.61
CA LYS A 61 26.64 19.62 33.88
C LYS A 61 26.66 20.13 32.43
N VAL A 62 25.52 20.06 31.73
CA VAL A 62 25.38 20.39 30.31
C VAL A 62 25.17 21.91 30.08
N GLN A 63 24.98 22.72 31.13
CA GLN A 63 24.80 24.16 31.00
C GLN A 63 26.01 24.76 30.29
N HIS A 64 25.74 25.69 29.36
CA HIS A 64 26.77 26.34 28.58
C HIS A 64 27.57 27.29 29.47
N SER A 65 28.90 27.38 29.22
CA SER A 65 29.85 28.09 30.07
C SER A 65 29.47 29.56 30.25
N SER A 66 29.00 30.19 29.17
CA SER A 66 28.64 31.60 29.16
C SER A 66 27.37 31.92 29.96
N TYR A 67 26.68 30.90 30.51
CA TYR A 67 25.52 31.06 31.38
C TYR A 67 25.77 30.48 32.78
N ARG A 68 27.03 30.20 33.12
CA ARG A 68 27.39 29.45 34.34
C ARG A 68 26.97 30.08 35.67
N GLN A 69 27.22 31.37 35.88
CA GLN A 69 26.84 32.07 37.10
C GLN A 69 25.88 33.23 36.83
N ARG A 70 25.03 33.11 35.80
CA ARG A 70 24.21 34.23 35.32
C ARG A 70 22.72 33.89 35.24
N ALA A 71 22.42 32.62 34.94
CA ALA A 71 21.07 32.20 34.62
C ALA A 71 20.55 31.35 35.76
N ARG A 72 19.28 31.56 36.13
CA ARG A 72 18.59 30.66 37.02
C ARG A 72 17.10 30.66 36.68
N LEU A 73 16.45 29.51 36.91
CA LEU A 73 15.01 29.37 36.82
C LEU A 73 14.44 29.64 38.20
N LEU A 74 13.38 30.45 38.28
CA LEU A 74 12.79 30.85 39.55
C LEU A 74 11.83 29.73 39.99
N LYS A 75 12.32 28.82 40.85
CA LYS A 75 11.64 27.57 41.20
C LYS A 75 10.24 27.84 41.77
N ASP A 76 10.16 28.81 42.68
CA ASP A 76 8.90 29.28 43.26
C ASP A 76 7.84 29.48 42.17
N GLN A 77 8.20 30.11 41.03
CA GLN A 77 7.25 30.47 40.00
C GLN A 77 6.68 29.25 39.27
N LEU A 78 7.41 28.12 39.28
CA LEU A 78 6.98 26.93 38.57
C LEU A 78 5.61 26.44 39.06
N SER A 79 5.37 26.46 40.39
CA SER A 79 4.09 26.07 40.98
C SER A 79 2.92 26.92 40.50
N LEU A 80 3.18 28.17 40.08
CA LEU A 80 2.14 29.02 39.52
C LEU A 80 1.93 28.78 38.02
N GLY A 81 2.72 27.90 37.40
CA GLY A 81 2.64 27.62 35.97
C GLY A 81 3.42 28.66 35.17
N ASN A 82 4.60 29.03 35.68
CA ASN A 82 5.41 30.12 35.12
C ASN A 82 6.87 29.69 35.14
N ALA A 83 7.39 29.36 33.95
CA ALA A 83 8.81 29.13 33.75
C ALA A 83 9.49 30.48 33.56
N ALA A 84 10.11 31.01 34.62
CA ALA A 84 10.70 32.34 34.60
C ALA A 84 12.22 32.21 34.59
N LEU A 85 12.86 32.70 33.51
CA LEU A 85 14.31 32.68 33.40
C LEU A 85 14.85 34.05 33.79
N GLN A 86 15.73 34.09 34.79
CA GLN A 86 16.43 35.32 35.12
C GLN A 86 17.88 35.21 34.62
N ILE A 87 18.26 36.17 33.75
CA ILE A 87 19.65 36.40 33.38
C ILE A 87 20.07 37.68 34.09
N THR A 88 21.24 37.59 34.74
CA THR A 88 21.78 38.70 35.52
C THR A 88 22.88 39.33 34.68
N ASP A 89 22.88 40.69 34.64
CA ASP A 89 23.95 41.49 34.07
C ASP A 89 23.95 41.29 32.56
N VAL A 90 22.89 41.81 31.93
CA VAL A 90 22.63 41.59 30.51
C VAL A 90 23.65 42.38 29.69
N LYS A 91 24.31 41.68 28.75
CA LYS A 91 25.23 42.27 27.78
C LYS A 91 24.63 42.17 26.39
N LEU A 92 25.27 42.81 25.40
CA LEU A 92 24.78 42.86 24.03
C LEU A 92 24.76 41.48 23.37
N GLN A 93 25.68 40.58 23.77
CA GLN A 93 25.67 39.17 23.37
C GLN A 93 24.40 38.42 23.77
N ASP A 94 23.64 38.92 24.74
CA ASP A 94 22.40 38.33 25.18
C ASP A 94 21.20 38.73 24.32
N ALA A 95 21.34 39.69 23.38
CA ALA A 95 20.31 39.96 22.38
C ALA A 95 20.16 38.78 21.43
N GLY A 96 18.92 38.45 21.06
CA GLY A 96 18.67 37.30 20.20
C GLY A 96 17.33 36.65 20.51
N VAL A 97 17.17 35.44 19.97
CA VAL A 97 15.92 34.69 20.01
C VAL A 97 16.07 33.57 21.03
N TYR A 98 15.29 33.67 22.12
CA TYR A 98 15.22 32.68 23.18
C TYR A 98 14.04 31.75 22.90
N ARG A 99 14.18 30.50 23.31
CA ARG A 99 13.22 29.43 23.08
C ARG A 99 13.04 28.78 24.44
N CYS A 100 11.80 28.70 24.93
CA CYS A 100 11.49 27.85 26.07
C CYS A 100 10.69 26.65 25.60
N MET A 101 11.05 25.47 26.10
CA MET A 101 10.42 24.22 25.74
C MET A 101 9.91 23.58 27.03
N ILE A 102 8.62 23.19 27.05
CA ILE A 102 8.00 22.64 28.24
C ILE A 102 7.35 21.31 27.86
N SER A 103 7.58 20.27 28.67
CA SER A 103 6.87 19.00 28.63
C SER A 103 6.20 18.81 29.98
N TYR A 104 4.86 18.77 30.00
CA TYR A 104 4.07 18.56 31.20
C TYR A 104 2.69 18.07 30.81
N GLY A 105 2.53 16.75 30.62
CA GLY A 105 1.29 16.16 30.17
C GLY A 105 1.19 16.16 28.65
N GLY A 106 1.26 17.35 28.04
CA GLY A 106 1.64 17.52 26.65
C GLY A 106 2.93 18.33 26.54
N ALA A 107 3.14 18.95 25.37
CA ALA A 107 4.37 19.68 25.14
C ALA A 107 4.17 20.80 24.14
N ASP A 108 4.89 21.91 24.37
CA ASP A 108 4.84 23.09 23.51
C ASP A 108 6.13 23.89 23.76
N TYR A 109 6.40 24.81 22.83
CA TYR A 109 7.49 25.76 23.00
C TYR A 109 7.06 27.11 22.43
N LYS A 110 7.74 28.17 22.88
CA LYS A 110 7.53 29.51 22.33
C LYS A 110 8.89 30.19 22.20
N ARG A 111 8.93 31.18 21.31
CA ARG A 111 10.08 32.01 21.00
C ARG A 111 9.91 33.39 21.61
N ILE A 112 11.01 33.92 22.17
CA ILE A 112 11.05 35.27 22.72
C ILE A 112 12.28 35.98 22.17
N THR A 113 12.07 37.20 21.67
CA THR A 113 13.16 38.03 21.13
C THR A 113 13.60 39.01 22.22
N VAL A 114 14.91 39.13 22.42
CA VAL A 114 15.47 40.08 23.38
C VAL A 114 16.29 41.09 22.61
N LYS A 115 15.94 42.37 22.78
CA LYS A 115 16.74 43.50 22.33
C LYS A 115 17.44 44.09 23.56
N VAL A 116 18.77 44.27 23.45
CA VAL A 116 19.60 44.89 24.47
C VAL A 116 20.02 46.26 23.96
N ASN A 117 19.52 47.34 24.59
CA ASN A 117 19.96 48.70 24.28
C ASN A 117 21.38 48.94 24.79
N ALA A 118 22.07 49.87 24.11
CA ALA A 118 23.51 50.02 24.23
C ALA A 118 23.86 50.76 25.52
N PRO A 119 25.07 50.53 26.10
CA PRO A 119 25.50 51.22 27.32
C PRO A 119 25.72 52.71 27.08
N TYR A 120 25.36 53.54 28.08
CA TYR A 120 25.52 55.00 27.98
C TYR A 120 26.97 55.38 28.26
N ALA A 121 27.34 56.61 27.88
CA ALA A 121 28.56 57.27 28.32
C ALA A 121 28.32 58.17 29.54
N ALA A 122 27.17 57.98 30.26
CA ALA A 122 26.75 58.77 31.43
C ALA A 122 27.63 58.46 32.65
N ALA B 4 22.37 12.19 30.13
CA ALA B 4 21.16 12.93 29.67
C ALA B 4 20.60 12.25 28.41
N PHE B 5 19.27 12.26 28.30
CA PHE B 5 18.54 11.73 27.15
C PHE B 5 18.94 12.49 25.88
N THR B 6 19.31 11.77 24.82
CA THR B 6 19.89 12.33 23.60
C THR B 6 19.19 11.73 22.39
N VAL B 7 18.77 12.60 21.45
CA VAL B 7 18.21 12.22 20.18
C VAL B 7 19.33 12.32 19.16
N THR B 8 19.38 11.35 18.23
CA THR B 8 20.37 11.31 17.17
C THR B 8 19.66 11.23 15.83
N VAL B 9 20.35 11.73 14.78
CA VAL B 9 19.92 11.66 13.41
C VAL B 9 20.99 10.91 12.62
N PRO B 10 20.64 9.85 11.85
CA PRO B 10 21.63 9.18 11.01
C PRO B 10 22.20 10.11 9.93
N LYS B 11 21.34 11.00 9.40
CA LYS B 11 21.75 12.06 8.50
C LYS B 11 21.07 13.35 8.93
N ASP B 12 21.77 14.47 8.81
CA ASP B 12 21.18 15.79 9.05
C ASP B 12 20.91 16.54 7.73
N LEU B 13 21.04 15.82 6.59
CA LEU B 13 20.79 16.36 5.27
C LEU B 13 20.26 15.23 4.39
N TYR B 14 19.03 15.38 3.89
CA TYR B 14 18.48 14.50 2.88
C TYR B 14 18.36 15.25 1.55
N VAL B 15 18.90 14.66 0.47
CA VAL B 15 18.67 15.13 -0.90
C VAL B 15 17.67 14.18 -1.54
N VAL B 16 16.48 14.68 -1.91
CA VAL B 16 15.42 13.84 -2.45
C VAL B 16 15.00 14.39 -3.82
N GLU B 17 14.45 13.50 -4.66
CA GLU B 17 13.96 13.86 -5.99
C GLU B 17 12.50 14.26 -5.90
N TYR B 18 12.11 15.23 -6.72
CA TYR B 18 10.73 15.71 -6.76
C TYR B 18 9.81 14.51 -7.01
N GLY B 19 8.70 14.45 -6.28
CA GLY B 19 7.69 13.42 -6.47
C GLY B 19 7.98 12.12 -5.74
N SER B 20 9.21 11.93 -5.19
CA SER B 20 9.54 10.75 -4.41
C SER B 20 8.76 10.71 -3.09
N ASN B 21 8.91 9.61 -2.35
CA ASN B 21 8.61 9.59 -0.92
C ASN B 21 9.92 9.71 -0.17
N MET B 22 9.81 10.39 0.97
CA MET B 22 10.92 10.77 1.81
C MET B 22 10.59 10.24 3.20
N THR B 23 11.58 9.55 3.80
CA THR B 23 11.47 9.13 5.18
C THR B 23 12.67 9.68 5.95
N ILE B 24 12.40 10.56 6.93
CA ILE B 24 13.44 11.16 7.77
C ILE B 24 13.28 10.68 9.19
N GLU B 25 14.42 10.49 9.87
CA GLU B 25 14.50 9.69 11.07
C GLU B 25 15.21 10.42 12.19
N CYS B 26 14.63 10.31 13.41
CA CYS B 26 15.28 10.63 14.67
C CYS B 26 15.21 9.44 15.59
N LYS B 27 16.38 9.04 16.09
CA LYS B 27 16.52 7.90 16.95
C LYS B 27 16.58 8.37 18.40
N PHE B 28 15.93 7.63 19.30
CA PHE B 28 15.97 7.93 20.73
C PHE B 28 16.04 6.61 21.51
N PRO B 29 16.70 6.56 22.69
CA PRO B 29 16.90 5.30 23.40
C PRO B 29 15.60 4.71 23.94
N VAL B 30 15.35 3.44 23.64
CA VAL B 30 14.37 2.61 24.31
C VAL B 30 15.12 1.42 24.91
N GLU B 31 15.39 1.47 26.22
CA GLU B 31 15.71 0.29 27.01
C GLU B 31 14.39 -0.47 27.17
N LYS B 32 14.49 -1.79 27.35
CA LYS B 32 13.33 -2.64 27.59
C LYS B 32 12.26 -2.37 26.51
N GLN B 33 10.98 -2.31 26.92
CA GLN B 33 9.87 -2.13 26.00
C GLN B 33 9.53 -0.64 25.94
N LEU B 34 8.69 -0.27 24.95
CA LEU B 34 8.22 1.09 24.76
C LEU B 34 7.10 1.41 25.75
N ASP B 35 7.08 2.67 26.20
CA ASP B 35 6.06 3.20 27.10
C ASP B 35 5.32 4.32 26.38
N LEU B 36 4.18 3.99 25.77
CA LEU B 36 3.43 4.90 24.92
C LEU B 36 2.85 6.09 25.70
N ALA B 37 2.56 5.89 27.00
CA ALA B 37 1.99 6.93 27.85
C ALA B 37 2.97 8.08 28.11
N ALA B 38 4.28 7.80 28.13
CA ALA B 38 5.32 8.79 28.43
C ALA B 38 5.89 9.48 27.18
N LEU B 39 5.42 9.13 25.97
CA LEU B 39 6.10 9.48 24.72
C LEU B 39 5.33 10.58 24.00
N ILE B 40 6.01 11.73 23.76
CA ILE B 40 5.56 12.74 22.82
C ILE B 40 6.57 12.82 21.68
N VAL B 41 6.09 12.82 20.44
CA VAL B 41 6.90 13.01 19.25
C VAL B 41 6.22 14.05 18.38
N TYR B 42 6.97 15.12 18.06
CA TYR B 42 6.46 16.23 17.27
C TYR B 42 7.44 16.46 16.13
N TRP B 43 6.89 16.61 14.90
CA TRP B 43 7.63 17.04 13.74
C TRP B 43 7.04 18.36 13.27
N GLU B 44 7.89 19.37 13.01
CA GLU B 44 7.46 20.60 12.39
C GLU B 44 8.48 21.12 11.39
N MET B 45 8.00 21.98 10.50
CA MET B 45 8.82 22.73 9.58
C MET B 45 8.21 24.12 9.48
N GLU B 46 9.05 25.16 9.69
CA GLU B 46 8.65 26.56 9.57
C GLU B 46 7.35 26.82 10.33
N ASP B 47 7.28 26.28 11.57
CA ASP B 47 6.15 26.42 12.47
C ASP B 47 4.87 25.72 12.02
N LYS B 48 4.90 24.91 10.94
CA LYS B 48 3.73 24.14 10.52
C LYS B 48 3.74 22.80 11.25
N ASN B 49 2.62 22.47 11.92
CA ASN B 49 2.45 21.22 12.65
C ASN B 49 2.31 20.07 11.65
N ILE B 50 3.34 19.19 11.54
CA ILE B 50 3.33 18.08 10.58
C ILE B 50 2.69 16.85 11.22
N ILE B 51 3.23 16.41 12.35
CA ILE B 51 2.71 15.25 13.06
C ILE B 51 2.97 15.48 14.54
N GLN B 52 1.94 15.30 15.37
CA GLN B 52 2.09 15.32 16.81
C GLN B 52 1.52 14.02 17.36
N PHE B 53 2.40 13.24 17.99
CA PHE B 53 2.02 12.01 18.65
C PHE B 53 2.12 12.23 20.15
N VAL B 54 0.96 12.37 20.82
CA VAL B 54 0.92 12.64 22.25
C VAL B 54 0.17 11.51 22.93
N HIS B 55 0.91 10.76 23.76
CA HIS B 55 0.38 9.81 24.72
C HIS B 55 -0.31 8.69 23.93
N GLY B 56 0.50 8.00 23.14
CA GLY B 56 0.08 6.82 22.41
C GLY B 56 -0.87 7.09 21.24
N GLU B 57 -1.07 8.35 20.81
CA GLU B 57 -2.01 8.59 19.73
C GLU B 57 -1.69 9.91 19.02
N GLU B 58 -1.90 9.96 17.69
CA GLU B 58 -1.73 11.17 16.91
C GLU B 58 -2.92 12.10 17.08
N ASP B 59 -2.69 13.40 16.87
CA ASP B 59 -3.69 14.41 17.13
C ASP B 59 -4.68 14.56 15.96
N LEU B 60 -4.17 14.89 14.77
CA LEU B 60 -4.90 15.14 13.54
C LEU B 60 -5.67 16.47 13.50
N LYS B 61 -6.21 16.95 14.63
CA LYS B 61 -6.98 18.19 14.68
C LYS B 61 -6.09 19.40 14.34
N VAL B 62 -4.94 19.53 15.03
CA VAL B 62 -4.04 20.68 14.88
C VAL B 62 -3.06 20.51 13.71
N GLN B 63 -3.03 19.33 13.04
CA GLN B 63 -2.18 19.11 11.87
C GLN B 63 -2.45 20.16 10.81
N HIS B 64 -1.38 20.69 10.20
CA HIS B 64 -1.49 21.75 9.22
C HIS B 64 -2.07 21.18 7.92
N SER B 65 -2.90 22.00 7.23
CA SER B 65 -3.67 21.59 6.06
C SER B 65 -2.78 21.02 4.94
N SER B 66 -1.62 21.65 4.73
CA SER B 66 -0.66 21.27 3.71
C SER B 66 -0.01 19.89 3.92
N TYR B 67 -0.24 19.26 5.10
CA TYR B 67 0.28 17.93 5.43
C TYR B 67 -0.87 16.96 5.73
N ARG B 68 -2.10 17.28 5.29
CA ARG B 68 -3.31 16.60 5.79
C ARG B 68 -3.41 15.12 5.44
N GLN B 69 -3.12 14.72 4.19
CA GLN B 69 -3.09 13.31 3.77
C GLN B 69 -1.72 12.92 3.18
N ARG B 70 -0.62 13.50 3.71
CA ARG B 70 0.72 13.33 3.14
C ARG B 70 1.74 12.82 4.15
N ALA B 71 1.54 13.16 5.43
CA ALA B 71 2.53 12.90 6.46
C ALA B 71 1.99 11.81 7.36
N ARG B 72 2.86 10.86 7.73
CA ARG B 72 2.54 9.90 8.77
C ARG B 72 3.82 9.52 9.51
N LEU B 73 3.66 9.21 10.79
CA LEU B 73 4.70 8.62 11.61
C LEU B 73 4.57 7.10 11.50
N LEU B 74 5.70 6.41 11.30
CA LEU B 74 5.71 4.97 11.13
C LEU B 74 5.67 4.34 12.51
N LYS B 75 4.46 3.95 12.97
CA LYS B 75 4.21 3.54 14.35
C LYS B 75 5.08 2.36 14.75
N ASP B 76 5.16 1.36 13.86
CA ASP B 76 6.04 0.20 14.01
C ASP B 76 7.45 0.63 14.47
N GLN B 77 8.01 1.66 13.85
CA GLN B 77 9.39 2.07 14.10
C GLN B 77 9.60 2.66 15.49
N LEU B 78 8.52 3.18 16.10
CA LEU B 78 8.63 3.82 17.41
C LEU B 78 9.16 2.86 18.47
N SER B 79 8.69 1.60 18.46
CA SER B 79 9.14 0.56 19.40
C SER B 79 10.65 0.29 19.29
N LEU B 80 11.24 0.53 18.11
CA LEU B 80 12.69 0.38 17.93
C LEU B 80 13.46 1.62 18.37
N GLY B 81 12.77 2.68 18.77
CA GLY B 81 13.41 3.93 19.17
C GLY B 81 13.73 4.80 17.95
N ASN B 82 12.79 4.84 17.00
CA ASN B 82 12.97 5.50 15.72
C ASN B 82 11.68 6.24 15.36
N ALA B 83 11.73 7.57 15.49
CA ALA B 83 10.67 8.44 15.02
C ALA B 83 10.91 8.69 13.54
N ALA B 84 10.17 7.98 12.68
CA ALA B 84 10.35 8.03 11.24
C ALA B 84 9.17 8.77 10.62
N LEU B 85 9.45 9.91 9.98
CA LEU B 85 8.43 10.71 9.32
C LEU B 85 8.46 10.37 7.84
N GLN B 86 7.32 9.92 7.30
CA GLN B 86 7.15 9.77 5.88
C GLN B 86 6.31 10.92 5.35
N ILE B 87 6.88 11.68 4.40
CA ILE B 87 6.12 12.58 3.55
C ILE B 87 6.03 11.92 2.17
N THR B 88 4.80 11.89 1.66
CA THR B 88 4.48 11.23 0.42
C THR B 88 4.32 12.33 -0.63
N ASP B 89 4.92 12.08 -1.82
CA ASP B 89 4.79 12.94 -2.98
C ASP B 89 5.44 14.30 -2.69
N VAL B 90 6.78 14.27 -2.58
CA VAL B 90 7.58 15.42 -2.17
C VAL B 90 7.54 16.48 -3.26
N LYS B 91 7.21 17.73 -2.86
CA LYS B 91 7.24 18.90 -3.70
C LYS B 91 8.37 19.83 -3.24
N LEU B 92 8.64 20.88 -4.03
CA LEU B 92 9.70 21.84 -3.74
C LEU B 92 9.42 22.65 -2.47
N GLN B 93 8.13 22.86 -2.15
CA GLN B 93 7.68 23.44 -0.88
C GLN B 93 8.11 22.63 0.35
N ASP B 94 8.46 21.35 0.18
CA ASP B 94 8.94 20.51 1.27
C ASP B 94 10.44 20.65 1.53
N ALA B 95 11.21 21.38 0.69
CA ALA B 95 12.59 21.74 1.02
C ALA B 95 12.63 22.71 2.21
N GLY B 96 13.60 22.53 3.11
CA GLY B 96 13.67 23.35 4.31
C GLY B 96 14.25 22.60 5.50
N VAL B 97 14.09 23.21 6.68
CA VAL B 97 14.66 22.71 7.92
C VAL B 97 13.54 22.09 8.76
N TYR B 98 13.65 20.77 8.94
CA TYR B 98 12.74 19.98 9.75
C TYR B 98 13.31 19.84 11.16
N ARG B 99 12.40 19.81 12.14
CA ARG B 99 12.72 19.74 13.55
C ARG B 99 11.89 18.59 14.09
N CYS B 100 12.54 17.58 14.70
CA CYS B 100 11.84 16.61 15.50
C CYS B 100 12.10 16.87 16.98
N MET B 101 11.05 16.81 17.79
CA MET B 101 11.13 17.02 19.22
C MET B 101 10.59 15.78 19.90
N ILE B 102 11.37 15.21 20.83
CA ILE B 102 10.98 13.99 21.51
C ILE B 102 11.04 14.22 23.02
N SER B 103 9.98 13.80 23.74
CA SER B 103 9.91 13.75 25.20
C SER B 103 9.67 12.30 25.58
N TYR B 104 10.61 11.70 26.30
CA TYR B 104 10.50 10.34 26.79
C TYR B 104 11.49 10.15 27.93
N GLY B 105 11.07 10.53 29.16
CA GLY B 105 11.92 10.48 30.35
C GLY B 105 13.18 11.34 30.20
N GLY B 106 13.01 12.61 29.89
CA GLY B 106 14.03 13.40 29.23
C GLY B 106 13.50 13.92 27.89
N ALA B 107 14.21 14.92 27.33
CA ALA B 107 13.75 15.55 26.11
C ALA B 107 14.93 16.11 25.34
N ASP B 108 14.81 16.06 24.02
CA ASP B 108 15.81 16.57 23.09
C ASP B 108 15.12 16.82 21.76
N TYR B 109 15.78 17.59 20.90
CA TYR B 109 15.34 17.79 19.54
C TYR B 109 16.56 17.85 18.63
N LYS B 110 16.32 17.62 17.33
CA LYS B 110 17.35 17.76 16.32
C LYS B 110 16.72 18.39 15.08
N ARG B 111 17.59 19.00 14.27
CA ARG B 111 17.27 19.66 13.03
C ARG B 111 17.73 18.80 11.86
N ILE B 112 16.92 18.72 10.80
CA ILE B 112 17.26 18.04 9.56
C ILE B 112 16.93 18.97 8.39
N THR B 113 17.88 19.11 7.46
CA THR B 113 17.71 19.92 6.25
C THR B 113 17.30 19.00 5.11
N VAL B 114 16.28 19.41 4.35
CA VAL B 114 15.86 18.68 3.16
C VAL B 114 16.08 19.57 1.95
N LYS B 115 16.86 19.05 0.99
CA LYS B 115 16.92 19.58 -0.36
C LYS B 115 16.04 18.72 -1.28
N VAL B 116 15.16 19.38 -2.04
CA VAL B 116 14.34 18.77 -3.07
C VAL B 116 14.89 19.21 -4.43
N ASN B 117 15.50 18.28 -5.17
CA ASN B 117 15.95 18.56 -6.53
C ASN B 117 14.75 18.59 -7.46
N ALA B 118 14.93 19.33 -8.57
CA ALA B 118 13.84 19.64 -9.49
C ALA B 118 13.54 18.42 -10.37
N PRO B 119 12.28 18.28 -10.87
CA PRO B 119 11.82 17.07 -11.54
C PRO B 119 12.58 16.73 -12.81
N TYR B 120 13.04 15.46 -12.85
CA TYR B 120 14.15 14.95 -13.67
C TYR B 120 13.75 13.56 -14.19
N ALA B 121 13.67 12.58 -13.27
CA ALA B 121 13.46 11.16 -13.54
C ALA B 121 12.67 10.89 -14.83
N SER C 3 -25.06 6.32 -22.00
CA SER C 3 -25.49 5.19 -21.13
C SER C 3 -26.12 5.68 -19.81
N ALA C 4 -26.88 6.80 -19.89
CA ALA C 4 -27.36 7.58 -18.74
C ALA C 4 -26.17 8.34 -18.14
N PHE C 5 -26.06 8.42 -16.79
CA PHE C 5 -24.83 8.78 -16.09
C PHE C 5 -23.65 7.91 -16.54
N THR C 6 -22.53 8.55 -16.91
CA THR C 6 -21.36 7.88 -17.48
C THR C 6 -20.09 8.32 -16.73
N VAL C 7 -19.23 7.33 -16.41
CA VAL C 7 -17.92 7.55 -15.83
C VAL C 7 -16.91 7.47 -16.96
N THR C 8 -15.87 8.31 -16.90
CA THR C 8 -14.80 8.33 -17.89
C THR C 8 -13.46 8.17 -17.19
N VAL C 9 -12.49 7.63 -17.94
CA VAL C 9 -11.10 7.53 -17.52
C VAL C 9 -10.25 8.29 -18.52
N PRO C 10 -9.38 9.24 -18.09
CA PRO C 10 -8.46 9.89 -19.02
C PRO C 10 -7.47 8.89 -19.62
N LYS C 11 -7.04 7.91 -18.82
CA LYS C 11 -6.23 6.80 -19.33
C LYS C 11 -6.79 5.49 -18.76
N ASP C 12 -6.81 4.43 -19.58
CA ASP C 12 -7.20 3.11 -19.12
C ASP C 12 -5.99 2.19 -18.95
N LEU C 13 -4.78 2.76 -19.02
CA LEU C 13 -3.53 2.03 -18.87
C LEU C 13 -2.50 2.97 -18.26
N TYR C 14 -2.01 2.62 -17.06
CA TYR C 14 -0.88 3.31 -16.45
C TYR C 14 0.32 2.36 -16.43
N VAL C 15 1.47 2.82 -16.95
CA VAL C 15 2.76 2.14 -16.78
C VAL C 15 3.53 2.93 -15.71
N VAL C 16 3.81 2.29 -14.57
CA VAL C 16 4.42 2.96 -13.42
C VAL C 16 5.70 2.19 -13.05
N GLU C 17 6.65 2.91 -12.44
CA GLU C 17 7.95 2.38 -12.04
C GLU C 17 7.84 1.79 -10.64
N TYR C 18 8.60 0.70 -10.39
CA TYR C 18 8.64 0.08 -9.07
C TYR C 18 8.99 1.14 -8.03
N GLY C 19 8.26 1.18 -6.92
CA GLY C 19 8.57 2.10 -5.84
C GLY C 19 8.05 3.53 -6.02
N SER C 20 7.58 3.91 -7.23
CA SER C 20 7.00 5.24 -7.46
C SER C 20 5.61 5.32 -6.82
N ASN C 21 4.98 6.50 -6.90
CA ASN C 21 3.57 6.67 -6.54
C ASN C 21 2.73 6.72 -7.82
N MET C 22 1.49 6.26 -7.67
CA MET C 22 0.58 6.07 -8.77
C MET C 22 -0.72 6.77 -8.37
N THR C 23 -1.26 7.59 -9.26
CA THR C 23 -2.55 8.22 -9.04
C THR C 23 -3.42 7.93 -10.26
N ILE C 24 -4.52 7.17 -10.06
CA ILE C 24 -5.41 6.76 -11.13
C ILE C 24 -6.78 7.40 -10.89
N GLU C 25 -7.44 7.76 -12.00
CA GLU C 25 -8.55 8.70 -11.96
C GLU C 25 -9.77 8.18 -12.72
N CYS C 26 -10.94 8.35 -12.11
CA CYS C 26 -12.23 8.21 -12.77
C CYS C 26 -13.02 9.48 -12.56
N LYS C 27 -13.48 10.04 -13.69
CA LYS C 27 -14.20 11.29 -13.71
C LYS C 27 -15.69 10.98 -13.81
N PHE C 28 -16.50 11.76 -13.08
CA PHE C 28 -17.95 11.64 -13.14
C PHE C 28 -18.56 13.03 -13.10
N PRO C 29 -19.73 13.27 -13.75
CA PRO C 29 -20.32 14.61 -13.82
C PRO C 29 -20.80 15.09 -12.45
N VAL C 30 -20.37 16.31 -12.07
CA VAL C 30 -20.97 17.08 -10.99
C VAL C 30 -21.47 18.38 -11.59
N GLU C 31 -22.79 18.46 -11.85
CA GLU C 31 -23.46 19.73 -12.03
C GLU C 31 -23.59 20.32 -10.63
N LYS C 32 -23.70 21.64 -10.56
CA LYS C 32 -23.90 22.34 -9.30
C LYS C 32 -22.79 21.94 -8.32
N GLN C 33 -23.14 21.80 -7.03
CA GLN C 33 -22.21 21.39 -5.99
C GLN C 33 -22.32 19.87 -5.80
N LEU C 34 -21.38 19.32 -5.03
CA LEU C 34 -21.35 17.90 -4.70
C LEU C 34 -22.36 17.59 -3.60
N ASP C 35 -22.96 16.40 -3.68
CA ASP C 35 -23.91 15.88 -2.71
C ASP C 35 -23.32 14.62 -2.08
N LEU C 36 -22.68 14.78 -0.92
CA LEU C 36 -21.91 13.72 -0.27
C LEU C 36 -22.80 12.56 0.18
N ALA C 37 -24.07 12.83 0.51
CA ALA C 37 -25.01 11.82 1.00
C ALA C 37 -25.37 10.80 -0.09
N ALA C 38 -25.39 11.23 -1.37
CA ALA C 38 -25.80 10.39 -2.48
C ALA C 38 -24.62 9.69 -3.18
N LEU C 39 -23.39 9.87 -2.70
CA LEU C 39 -22.18 9.48 -3.41
C LEU C 39 -21.58 8.22 -2.77
N ILE C 40 -21.45 7.17 -3.59
CA ILE C 40 -20.63 6.00 -3.25
C ILE C 40 -19.50 5.94 -4.28
N VAL C 41 -18.27 5.74 -3.80
CA VAL C 41 -17.10 5.51 -4.63
C VAL C 41 -16.37 4.30 -4.08
N TYR C 42 -16.14 3.29 -4.94
CA TYR C 42 -15.47 2.06 -4.57
C TYR C 42 -14.34 1.82 -5.55
N TRP C 43 -13.15 1.50 -5.04
CA TRP C 43 -12.02 1.03 -5.83
C TRP C 43 -11.67 -0.38 -5.39
N GLU C 44 -11.54 -1.32 -6.35
CA GLU C 44 -11.04 -2.65 -6.02
C GLU C 44 -10.10 -3.16 -7.11
N MET C 45 -9.30 -4.15 -6.70
CA MET C 45 -8.45 -4.92 -7.58
C MET C 45 -8.47 -6.37 -7.08
N GLU C 46 -8.74 -7.32 -8.00
CA GLU C 46 -8.73 -8.75 -7.68
C GLU C 46 -9.59 -9.02 -6.44
N ASP C 47 -10.76 -8.38 -6.36
CA ASP C 47 -11.69 -8.50 -5.25
C ASP C 47 -11.21 -7.94 -3.91
N LYS C 48 -10.05 -7.27 -3.86
CA LYS C 48 -9.56 -6.66 -2.63
C LYS C 48 -10.12 -5.24 -2.51
N ASN C 49 -10.75 -4.95 -1.37
CA ASN C 49 -11.34 -3.64 -1.09
C ASN C 49 -10.23 -2.61 -0.84
N ILE C 50 -10.03 -1.66 -1.77
CA ILE C 50 -8.96 -0.66 -1.68
C ILE C 50 -9.46 0.58 -0.94
N ILE C 51 -10.54 1.18 -1.44
CA ILE C 51 -11.17 2.33 -0.80
C ILE C 51 -12.67 2.22 -1.05
N GLN C 52 -13.48 2.38 0.00
CA GLN C 52 -14.92 2.51 -0.13
C GLN C 52 -15.32 3.82 0.55
N PHE C 53 -15.88 4.75 -0.23
CA PHE C 53 -16.41 5.99 0.27
C PHE C 53 -17.93 5.91 0.21
N VAL C 54 -18.58 5.73 1.37
CA VAL C 54 -20.03 5.62 1.43
C VAL C 54 -20.57 6.74 2.33
N HIS C 55 -21.34 7.63 1.70
CA HIS C 55 -22.19 8.59 2.39
C HIS C 55 -21.29 9.56 3.17
N GLY C 56 -20.46 10.27 2.40
CA GLY C 56 -19.61 11.33 2.92
C GLY C 56 -18.44 10.86 3.78
N GLU C 57 -18.13 9.55 3.84
CA GLU C 57 -17.02 9.10 4.68
C GLU C 57 -16.46 7.78 4.14
N GLU C 58 -15.12 7.62 4.25
CA GLU C 58 -14.47 6.35 3.93
C GLU C 58 -14.66 5.36 5.08
N ASP C 59 -14.64 4.06 4.77
CA ASP C 59 -15.11 3.04 5.69
C ASP C 59 -14.00 2.61 6.66
N LEU C 60 -12.86 2.15 6.11
CA LEU C 60 -11.62 1.84 6.82
C LEU C 60 -11.66 0.47 7.51
N LYS C 61 -12.81 0.06 8.08
CA LYS C 61 -12.98 -1.26 8.68
C LYS C 61 -12.80 -2.38 7.64
N VAL C 62 -13.49 -2.28 6.49
CA VAL C 62 -13.51 -3.31 5.46
C VAL C 62 -12.32 -3.22 4.49
N GLN C 63 -11.49 -2.15 4.56
CA GLN C 63 -10.32 -2.00 3.69
C GLN C 63 -9.40 -3.20 3.88
N HIS C 64 -8.86 -3.71 2.76
CA HIS C 64 -7.99 -4.87 2.77
C HIS C 64 -6.63 -4.50 3.38
N SER C 65 -6.03 -5.44 4.13
CA SER C 65 -4.84 -5.22 4.95
C SER C 65 -3.66 -4.72 4.12
N SER C 66 -3.51 -5.24 2.90
CA SER C 66 -2.44 -4.86 1.97
C SER C 66 -2.53 -3.41 1.48
N TYR C 67 -3.62 -2.69 1.77
CA TYR C 67 -3.80 -1.29 1.39
C TYR C 67 -3.95 -0.39 2.62
N ARG C 68 -3.73 -0.93 3.84
CA ARG C 68 -3.69 -0.16 5.07
C ARG C 68 -2.55 0.84 4.95
N GLN C 69 -2.88 2.15 4.88
CA GLN C 69 -1.91 3.24 4.99
C GLN C 69 -1.02 3.37 3.75
N ARG C 70 -1.47 2.87 2.58
CA ARG C 70 -0.83 3.12 1.30
C ARG C 70 -1.78 3.76 0.29
N ALA C 71 -3.08 3.45 0.41
CA ALA C 71 -4.11 3.90 -0.51
C ALA C 71 -4.90 5.01 0.17
N ARG C 72 -5.21 6.04 -0.60
CA ARG C 72 -6.13 7.06 -0.16
C ARG C 72 -6.87 7.60 -1.37
N LEU C 73 -8.13 8.01 -1.13
CA LEU C 73 -8.89 8.80 -2.07
C LEU C 73 -8.62 10.27 -1.79
N LEU C 74 -8.34 11.06 -2.84
CA LEU C 74 -8.00 12.46 -2.70
C LEU C 74 -9.30 13.25 -2.58
N LYS C 75 -9.72 13.55 -1.33
CA LYS C 75 -11.04 14.10 -1.03
C LYS C 75 -11.32 15.39 -1.79
N ASP C 76 -10.33 16.30 -1.79
CA ASP C 76 -10.35 17.53 -2.56
C ASP C 76 -10.87 17.31 -3.99
N GLN C 77 -10.36 16.26 -4.67
CA GLN C 77 -10.68 16.02 -6.07
C GLN C 77 -12.13 15.60 -6.29
N LEU C 78 -12.78 15.04 -5.26
CA LEU C 78 -14.15 14.55 -5.39
C LEU C 78 -15.12 15.66 -5.82
N SER C 79 -14.99 16.85 -5.21
CA SER C 79 -15.81 18.01 -5.53
C SER C 79 -15.69 18.42 -7.01
N LEU C 80 -14.55 18.14 -7.65
CA LEU C 80 -14.34 18.43 -9.06
C LEU C 80 -14.89 17.33 -9.97
N GLY C 81 -15.43 16.25 -9.41
CA GLY C 81 -15.96 15.14 -10.19
C GLY C 81 -14.86 14.17 -10.60
N ASN C 82 -13.91 13.93 -9.68
CA ASN C 82 -12.70 13.15 -9.95
C ASN C 82 -12.43 12.25 -8.74
N ALA C 83 -12.73 10.95 -8.92
CA ALA C 83 -12.35 9.94 -7.94
C ALA C 83 -10.90 9.55 -8.22
N ALA C 84 -9.96 10.09 -7.42
CA ALA C 84 -8.53 9.91 -7.64
C ALA C 84 -7.98 8.98 -6.57
N LEU C 85 -7.46 7.83 -6.99
CA LEU C 85 -6.87 6.87 -6.08
C LEU C 85 -5.36 7.05 -6.11
N GLN C 86 -4.76 7.33 -4.94
CA GLN C 86 -3.31 7.37 -4.82
C GLN C 86 -2.85 6.13 -4.07
N ILE C 87 -2.00 5.33 -4.73
CA ILE C 87 -1.28 4.24 -4.09
C ILE C 87 0.17 4.72 -3.97
N THR C 88 0.72 4.61 -2.77
CA THR C 88 2.07 5.07 -2.50
C THR C 88 2.97 3.84 -2.42
N ASP C 89 4.15 3.93 -3.05
CA ASP C 89 5.20 2.92 -2.96
C ASP C 89 4.73 1.65 -3.68
N VAL C 90 4.62 1.76 -5.01
CA VAL C 90 4.06 0.72 -5.87
C VAL C 90 4.96 -0.51 -5.89
N LYS C 91 4.35 -1.67 -5.60
CA LYS C 91 4.98 -2.98 -5.63
C LYS C 91 4.31 -3.81 -6.74
N LEU C 92 4.86 -4.99 -7.00
CA LEU C 92 4.45 -5.85 -8.11
C LEU C 92 3.04 -6.42 -7.89
N GLN C 93 2.62 -6.60 -6.63
CA GLN C 93 1.25 -6.95 -6.26
C GLN C 93 0.22 -5.90 -6.69
N ASP C 94 0.65 -4.67 -6.98
CA ASP C 94 -0.24 -3.61 -7.42
C ASP C 94 -0.47 -3.65 -8.94
N ALA C 95 0.28 -4.46 -9.72
CA ALA C 95 -0.02 -4.68 -11.13
C ALA C 95 -1.32 -5.46 -11.28
N GLY C 96 -2.13 -5.11 -12.28
CA GLY C 96 -3.42 -5.75 -12.47
C GLY C 96 -4.49 -4.77 -12.94
N VAL C 97 -5.74 -5.25 -12.85
CA VAL C 97 -6.91 -4.57 -13.36
C VAL C 97 -7.66 -3.97 -12.18
N TYR C 98 -7.70 -2.63 -12.17
CA TYR C 98 -8.42 -1.83 -11.20
C TYR C 98 -9.79 -1.52 -11.77
N ARG C 99 -10.77 -1.49 -10.88
CA ARG C 99 -12.16 -1.20 -11.17
C ARG C 99 -12.55 -0.07 -10.23
N CYS C 100 -13.04 1.05 -10.77
CA CYS C 100 -13.70 2.05 -9.95
C CYS C 100 -15.19 2.02 -10.23
N MET C 101 -15.99 2.09 -9.17
CA MET C 101 -17.44 1.98 -9.26
C MET C 101 -18.03 3.19 -8.57
N ILE C 102 -18.90 3.93 -9.28
CA ILE C 102 -19.43 5.21 -8.78
C ILE C 102 -20.95 5.14 -8.88
N SER C 103 -21.62 5.52 -7.77
CA SER C 103 -23.07 5.70 -7.69
C SER C 103 -23.32 7.14 -7.26
N TYR C 104 -23.98 7.92 -8.14
CA TYR C 104 -24.26 9.32 -7.91
C TYR C 104 -25.38 9.75 -8.86
N GLY C 105 -26.62 9.48 -8.47
CA GLY C 105 -27.80 9.75 -9.28
C GLY C 105 -28.10 8.56 -10.20
N GLY C 106 -27.14 8.26 -11.10
CA GLY C 106 -27.04 6.96 -11.73
C GLY C 106 -25.76 6.23 -11.28
N ALA C 107 -25.31 5.26 -12.09
CA ALA C 107 -24.17 4.45 -11.71
C ALA C 107 -23.45 3.93 -12.94
N ASP C 108 -22.11 3.86 -12.82
CA ASP C 108 -21.25 3.31 -13.85
C ASP C 108 -19.94 2.87 -13.19
N TYR C 109 -19.17 2.08 -13.93
CA TYR C 109 -17.83 1.69 -13.51
C TYR C 109 -16.93 1.67 -14.74
N LYS C 110 -15.61 1.74 -14.51
CA LYS C 110 -14.63 1.58 -15.56
C LYS C 110 -13.47 0.78 -15.02
N ARG C 111 -12.72 0.18 -15.96
CA ARG C 111 -11.56 -0.65 -15.69
C ARG C 111 -10.29 0.13 -16.05
N ILE C 112 -9.25 -0.02 -15.20
CA ILE C 112 -7.94 0.55 -15.45
C ILE C 112 -6.91 -0.55 -15.24
N THR C 113 -5.99 -0.70 -16.20
CA THR C 113 -4.91 -1.68 -16.13
C THR C 113 -3.65 -0.96 -15.64
N VAL C 114 -2.98 -1.54 -14.64
CA VAL C 114 -1.72 -0.99 -14.16
C VAL C 114 -0.64 -2.03 -14.44
N LYS C 115 0.39 -1.59 -15.21
CA LYS C 115 1.65 -2.30 -15.33
C LYS C 115 2.67 -1.66 -14.41
N VAL C 116 3.30 -2.49 -13.56
CA VAL C 116 4.40 -2.12 -12.68
C VAL C 116 5.69 -2.69 -13.26
N ASN C 117 6.61 -1.82 -13.69
CA ASN C 117 7.91 -2.23 -14.19
C ASN C 117 8.81 -2.71 -13.06
N ALA C 118 9.79 -3.56 -13.41
CA ALA C 118 10.62 -4.25 -12.44
C ALA C 118 11.67 -3.31 -11.84
N PRO C 119 12.14 -3.54 -10.59
CA PRO C 119 13.18 -2.71 -9.98
C PRO C 119 14.53 -2.87 -10.67
N TYR C 120 15.35 -1.82 -10.69
CA TYR C 120 16.59 -1.78 -11.46
C TYR C 120 17.71 -2.57 -10.74
N ALA C 121 18.18 -2.12 -9.56
CA ALA C 121 19.20 -2.84 -8.79
C ALA C 121 18.55 -3.98 -8.00
N ALA D 4 24.22 -16.51 -16.08
CA ALA D 4 23.00 -17.27 -15.71
C ALA D 4 22.12 -17.42 -16.95
N PHE D 5 21.35 -18.52 -16.99
CA PHE D 5 20.29 -18.73 -17.97
C PHE D 5 19.24 -17.62 -17.84
N THR D 6 18.88 -16.97 -18.97
CA THR D 6 18.03 -15.78 -18.96
C THR D 6 16.89 -15.95 -19.97
N VAL D 7 15.66 -15.67 -19.50
CA VAL D 7 14.48 -15.61 -20.36
C VAL D 7 14.24 -14.13 -20.68
N THR D 8 13.84 -13.87 -21.93
CA THR D 8 13.53 -12.52 -22.39
C THR D 8 12.12 -12.49 -22.95
N VAL D 9 11.52 -11.30 -22.90
CA VAL D 9 10.24 -11.03 -23.53
C VAL D 9 10.47 -9.91 -24.57
N PRO D 10 10.04 -10.09 -25.84
CA PRO D 10 10.08 -8.98 -26.79
C PRO D 10 9.16 -7.83 -26.37
N LYS D 11 8.02 -8.15 -25.77
CA LYS D 11 7.13 -7.15 -25.17
C LYS D 11 6.68 -7.62 -23.80
N ASP D 12 6.60 -6.72 -22.82
CA ASP D 12 6.07 -7.05 -21.51
C ASP D 12 4.67 -6.45 -21.31
N LEU D 13 4.07 -5.93 -22.41
CA LEU D 13 2.73 -5.35 -22.39
C LEU D 13 2.10 -5.57 -23.76
N TYR D 14 0.98 -6.32 -23.80
CA TYR D 14 0.16 -6.47 -24.99
C TYR D 14 -1.18 -5.77 -24.74
N VAL D 15 -1.60 -4.88 -25.66
CA VAL D 15 -2.95 -4.33 -25.70
C VAL D 15 -3.69 -5.04 -26.84
N VAL D 16 -4.74 -5.80 -26.50
CA VAL D 16 -5.45 -6.63 -27.47
C VAL D 16 -6.93 -6.23 -27.46
N GLU D 17 -7.58 -6.47 -28.60
CA GLU D 17 -8.99 -6.14 -28.82
C GLU D 17 -9.85 -7.32 -28.36
N TYR D 18 -11.03 -7.00 -27.81
CA TYR D 18 -11.98 -8.01 -27.36
C TYR D 18 -12.27 -8.96 -28.51
N GLY D 19 -12.26 -10.27 -28.25
CA GLY D 19 -12.59 -11.26 -29.28
C GLY D 19 -11.44 -11.62 -30.23
N SER D 20 -10.34 -10.84 -30.26
CA SER D 20 -9.19 -11.16 -31.11
C SER D 20 -8.42 -12.34 -30.52
N ASN D 21 -7.37 -12.78 -31.24
CA ASN D 21 -6.42 -13.76 -30.73
C ASN D 21 -5.15 -13.05 -30.29
N MET D 22 -4.52 -13.64 -29.27
CA MET D 22 -3.40 -13.06 -28.58
C MET D 22 -2.31 -14.11 -28.54
N THR D 23 -1.10 -13.74 -28.95
CA THR D 23 0.05 -14.64 -28.88
C THR D 23 1.16 -13.92 -28.13
N ILE D 24 1.52 -14.44 -26.93
CA ILE D 24 2.51 -13.84 -26.08
C ILE D 24 3.70 -14.79 -25.96
N GLU D 25 4.91 -14.21 -25.87
CA GLU D 25 6.15 -14.92 -26.14
C GLU D 25 7.17 -14.70 -25.05
N CYS D 26 7.83 -15.80 -24.65
CA CYS D 26 9.06 -15.79 -23.87
C CYS D 26 10.14 -16.56 -24.60
N LYS D 27 11.28 -15.90 -24.81
CA LYS D 27 12.40 -16.44 -25.54
C LYS D 27 13.42 -16.98 -24.55
N PHE D 28 14.04 -18.12 -24.87
CA PHE D 28 15.09 -18.70 -24.06
C PHE D 28 16.15 -19.30 -24.99
N PRO D 29 17.45 -19.32 -24.58
CA PRO D 29 18.53 -19.80 -25.44
C PRO D 29 18.42 -21.30 -25.73
N VAL D 30 18.48 -21.66 -27.03
CA VAL D 30 18.74 -23.01 -27.48
C VAL D 30 20.01 -22.98 -28.33
N GLU D 31 21.15 -23.36 -27.74
CA GLU D 31 22.33 -23.73 -28.50
C GLU D 31 22.03 -25.10 -29.07
N LYS D 32 22.68 -25.44 -30.19
CA LYS D 32 22.55 -26.75 -30.81
C LYS D 32 21.07 -27.08 -31.01
N GLN D 33 20.70 -28.34 -30.75
CA GLN D 33 19.33 -28.83 -30.92
C GLN D 33 18.60 -28.71 -29.59
N LEU D 34 17.27 -28.87 -29.64
CA LEU D 34 16.41 -28.85 -28.45
C LEU D 34 16.49 -30.19 -27.73
N ASP D 35 16.42 -30.13 -26.39
CA ASP D 35 16.45 -31.30 -25.53
C ASP D 35 15.13 -31.36 -24.76
N LEU D 36 14.16 -32.12 -25.28
CA LEU D 36 12.79 -32.13 -24.76
C LEU D 36 12.70 -32.72 -23.35
N ALA D 37 13.65 -33.61 -22.99
CA ALA D 37 13.67 -34.26 -21.68
C ALA D 37 13.96 -33.26 -20.55
N ALA D 38 14.78 -32.24 -20.83
CA ALA D 38 15.23 -31.26 -19.84
C ALA D 38 14.34 -30.02 -19.76
N LEU D 39 13.28 -29.92 -20.57
CA LEU D 39 12.57 -28.68 -20.84
C LEU D 39 11.22 -28.68 -20.16
N ILE D 40 11.01 -27.71 -19.26
CA ILE D 40 9.72 -27.46 -18.63
C ILE D 40 9.31 -26.04 -19.03
N VAL D 41 8.06 -25.88 -19.49
CA VAL D 41 7.47 -24.58 -19.74
C VAL D 41 6.10 -24.53 -19.07
N TYR D 42 5.91 -23.50 -18.24
CA TYR D 42 4.66 -23.27 -17.54
C TYR D 42 4.18 -21.85 -17.83
N TRP D 43 2.91 -21.69 -18.17
CA TRP D 43 2.24 -20.41 -18.24
C TRP D 43 1.12 -20.37 -17.22
N GLU D 44 1.03 -19.30 -16.41
CA GLU D 44 -0.09 -19.11 -15.52
C GLU D 44 -0.51 -17.64 -15.46
N MET D 45 -1.76 -17.45 -15.01
CA MET D 45 -2.32 -16.16 -14.69
C MET D 45 -3.22 -16.35 -13.47
N GLU D 46 -3.04 -15.50 -12.44
CA GLU D 46 -3.88 -15.51 -11.25
C GLU D 46 -3.95 -16.92 -10.66
N ASP D 47 -2.81 -17.62 -10.63
CA ASP D 47 -2.69 -18.99 -10.13
C ASP D 47 -3.40 -20.05 -11.00
N LYS D 48 -4.00 -19.70 -12.15
CA LYS D 48 -4.66 -20.69 -13.00
C LYS D 48 -3.65 -21.30 -13.97
N ASN D 49 -3.58 -22.64 -13.99
CA ASN D 49 -2.69 -23.40 -14.85
C ASN D 49 -3.15 -23.30 -16.31
N ILE D 50 -2.43 -22.56 -17.17
CA ILE D 50 -2.82 -22.35 -18.57
C ILE D 50 -2.23 -23.45 -19.45
N ILE D 51 -0.91 -23.61 -19.41
CA ILE D 51 -0.24 -24.68 -20.14
C ILE D 51 0.97 -25.12 -19.30
N GLN D 52 1.13 -26.44 -19.11
CA GLN D 52 2.32 -27.00 -18.51
C GLN D 52 2.89 -28.03 -19.48
N PHE D 53 4.10 -27.77 -19.97
CA PHE D 53 4.82 -28.68 -20.85
C PHE D 53 5.98 -29.28 -20.05
N VAL D 54 5.84 -30.55 -19.65
CA VAL D 54 6.86 -31.22 -18.85
C VAL D 54 7.33 -32.48 -19.57
N HIS D 55 8.65 -32.53 -19.87
CA HIS D 55 9.34 -33.70 -20.39
C HIS D 55 8.72 -34.07 -21.74
N GLY D 56 8.80 -33.13 -22.69
CA GLY D 56 8.38 -33.37 -24.06
C GLY D 56 6.87 -33.55 -24.26
N GLU D 57 6.01 -33.26 -23.27
CA GLU D 57 4.57 -33.43 -23.45
C GLU D 57 3.78 -32.49 -22.54
N GLU D 58 2.65 -31.98 -23.06
CA GLU D 58 1.74 -31.14 -22.28
C GLU D 58 0.87 -32.01 -21.38
N ASP D 59 0.42 -31.39 -20.28
CA ASP D 59 -0.45 -31.99 -19.27
C ASP D 59 -1.78 -31.25 -19.42
N LEU D 60 -2.74 -31.83 -20.17
CA LEU D 60 -4.10 -31.32 -20.27
C LEU D 60 -4.94 -31.67 -19.02
N LYS D 61 -4.46 -32.63 -18.21
CA LYS D 61 -5.12 -33.04 -16.98
C LYS D 61 -5.19 -31.89 -15.97
N VAL D 62 -4.04 -31.23 -15.68
CA VAL D 62 -3.98 -30.19 -14.65
C VAL D 62 -4.38 -28.80 -15.20
N GLN D 63 -4.54 -28.66 -16.53
CA GLN D 63 -4.93 -27.40 -17.15
C GLN D 63 -6.27 -26.95 -16.58
N HIS D 64 -6.39 -25.65 -16.32
CA HIS D 64 -7.56 -25.05 -15.73
C HIS D 64 -8.70 -25.06 -16.77
N SER D 65 -9.94 -25.31 -16.27
CA SER D 65 -11.15 -25.23 -17.07
C SER D 65 -11.24 -23.78 -17.51
N SER D 66 -11.84 -23.55 -18.68
CA SER D 66 -11.87 -22.20 -19.25
C SER D 66 -10.50 -21.80 -19.82
N TYR D 67 -9.43 -22.63 -19.75
CA TYR D 67 -8.41 -22.64 -20.80
C TYR D 67 -8.44 -23.95 -21.59
N ARG D 68 -9.42 -24.85 -21.33
CA ARG D 68 -9.61 -26.05 -22.12
C ARG D 68 -10.02 -25.59 -23.52
N GLN D 69 -9.16 -25.87 -24.52
CA GLN D 69 -9.45 -25.72 -25.94
C GLN D 69 -9.51 -24.24 -26.37
N ARG D 70 -8.84 -23.33 -25.63
CA ARG D 70 -8.60 -21.95 -26.07
C ARG D 70 -7.10 -21.60 -26.05
N ALA D 71 -6.33 -22.25 -25.15
CA ALA D 71 -4.92 -22.00 -24.97
C ALA D 71 -4.16 -23.14 -25.60
N ARG D 72 -3.09 -22.78 -26.31
CA ARG D 72 -2.14 -23.78 -26.77
C ARG D 72 -0.76 -23.14 -26.81
N LEU D 73 0.26 -23.97 -26.56
CA LEU D 73 1.64 -23.64 -26.79
C LEU D 73 1.99 -24.04 -28.23
N LEU D 74 2.65 -23.15 -28.96
CA LEU D 74 2.98 -23.37 -30.36
C LEU D 74 4.24 -24.23 -30.43
N LYS D 75 4.06 -25.55 -30.60
CA LYS D 75 5.12 -26.55 -30.46
C LYS D 75 6.30 -26.25 -31.38
N ASP D 76 5.99 -25.95 -32.65
CA ASP D 76 6.95 -25.52 -33.65
C ASP D 76 7.93 -24.49 -33.08
N GLN D 77 7.42 -23.47 -32.37
CA GLN D 77 8.23 -22.36 -31.90
C GLN D 77 9.21 -22.76 -30.80
N LEU D 78 8.93 -23.86 -30.08
CA LEU D 78 9.77 -24.27 -28.97
C LEU D 78 11.21 -24.56 -29.41
N SER D 79 11.36 -25.25 -30.56
CA SER D 79 12.67 -25.57 -31.14
C SER D 79 13.49 -24.31 -31.45
N LEU D 80 12.83 -23.18 -31.72
CA LEU D 80 13.49 -21.91 -32.01
C LEU D 80 13.83 -21.15 -30.71
N GLY D 81 13.46 -21.68 -29.54
CA GLY D 81 13.73 -21.04 -28.27
C GLY D 81 12.67 -19.99 -27.93
N ASN D 82 11.40 -20.32 -28.22
CA ASN D 82 10.30 -19.39 -28.12
C ASN D 82 9.09 -20.14 -27.56
N ALA D 83 8.80 -19.88 -26.28
CA ALA D 83 7.59 -20.36 -25.65
C ALA D 83 6.46 -19.39 -26.00
N ALA D 84 5.62 -19.75 -26.98
CA ALA D 84 4.60 -18.87 -27.50
C ALA D 84 3.23 -19.39 -27.04
N LEU D 85 2.52 -18.58 -26.27
CA LEU D 85 1.18 -18.93 -25.81
C LEU D 85 0.17 -18.24 -26.70
N GLN D 86 -0.71 -19.02 -27.34
CA GLN D 86 -1.85 -18.47 -28.06
C GLN D 86 -3.11 -18.70 -27.24
N ILE D 87 -3.79 -17.60 -26.91
CA ILE D 87 -5.14 -17.63 -26.38
C ILE D 87 -6.05 -17.16 -27.50
N THR D 88 -7.09 -17.95 -27.77
CA THR D 88 -8.03 -17.69 -28.85
C THR D 88 -9.28 -17.09 -28.22
N ASP D 89 -9.79 -16.02 -28.85
CA ASP D 89 -11.09 -15.44 -28.51
C ASP D 89 -11.01 -14.78 -27.14
N VAL D 90 -10.21 -13.69 -27.07
CA VAL D 90 -9.90 -13.00 -25.83
C VAL D 90 -11.16 -12.35 -25.23
N LYS D 91 -11.38 -12.68 -23.94
CA LYS D 91 -12.45 -12.13 -23.11
C LYS D 91 -11.81 -11.32 -21.98
N LEU D 92 -12.66 -10.65 -21.19
CA LEU D 92 -12.24 -9.73 -20.14
C LEU D 92 -11.48 -10.44 -19.01
N GLN D 93 -11.84 -11.70 -18.74
CA GLN D 93 -11.14 -12.57 -17.79
C GLN D 93 -9.68 -12.84 -18.18
N ASP D 94 -9.31 -12.61 -19.45
CA ASP D 94 -7.95 -12.80 -19.93
C ASP D 94 -7.06 -11.57 -19.68
N ALA D 95 -7.62 -10.42 -19.28
CA ALA D 95 -6.79 -9.28 -18.84
C ALA D 95 -6.09 -9.62 -17.53
N GLY D 96 -4.83 -9.18 -17.38
CA GLY D 96 -4.08 -9.49 -16.18
C GLY D 96 -2.60 -9.71 -16.47
N VAL D 97 -1.94 -10.27 -15.43
CA VAL D 97 -0.50 -10.46 -15.43
C VAL D 97 -0.22 -11.94 -15.66
N TYR D 98 0.41 -12.22 -16.81
CA TYR D 98 0.84 -13.55 -17.20
C TYR D 98 2.29 -13.75 -16.78
N ARG D 99 2.58 -14.99 -16.37
CA ARG D 99 3.88 -15.40 -15.87
C ARG D 99 4.26 -16.62 -16.70
N CYS D 100 5.39 -16.57 -17.39
CA CYS D 100 5.95 -17.77 -18.01
C CYS D 100 7.19 -18.21 -17.26
N MET D 101 7.29 -19.51 -16.99
CA MET D 101 8.36 -20.06 -16.17
C MET D 101 9.02 -21.15 -16.98
N ILE D 102 10.35 -21.05 -17.15
CA ILE D 102 11.09 -21.96 -18.04
C ILE D 102 12.25 -22.56 -17.24
N SER D 103 12.38 -23.89 -17.33
CA SER D 103 13.50 -24.65 -16.79
C SER D 103 14.15 -25.39 -17.96
N TYR D 104 15.43 -25.08 -18.22
CA TYR D 104 16.20 -25.72 -19.28
C TYR D 104 17.69 -25.45 -19.01
N GLY D 105 18.28 -26.30 -18.15
CA GLY D 105 19.67 -26.16 -17.72
C GLY D 105 19.95 -24.82 -17.04
N GLY D 106 19.21 -24.54 -15.98
CA GLY D 106 18.97 -23.16 -15.52
C GLY D 106 17.48 -22.86 -15.60
N ALA D 107 17.08 -21.77 -14.94
CA ALA D 107 15.68 -21.43 -14.84
C ALA D 107 15.49 -19.93 -14.65
N ASP D 108 14.42 -19.41 -15.27
CA ASP D 108 14.03 -18.01 -15.15
C ASP D 108 12.54 -17.92 -15.44
N TYR D 109 11.96 -16.78 -15.07
CA TYR D 109 10.59 -16.46 -15.43
C TYR D 109 10.49 -14.98 -15.75
N LYS D 110 9.44 -14.61 -16.48
CA LYS D 110 9.15 -13.21 -16.77
C LYS D 110 7.65 -13.00 -16.69
N ARG D 111 7.28 -11.72 -16.48
CA ARG D 111 5.92 -11.27 -16.35
C ARG D 111 5.49 -10.53 -17.61
N ILE D 112 4.25 -10.77 -18.06
CA ILE D 112 3.65 -10.06 -19.18
C ILE D 112 2.27 -9.58 -18.76
N THR D 113 1.99 -8.30 -19.02
CA THR D 113 0.70 -7.69 -18.71
C THR D 113 -0.12 -7.68 -19.99
N VAL D 114 -1.39 -8.12 -19.89
CA VAL D 114 -2.31 -8.05 -21.00
C VAL D 114 -3.44 -7.11 -20.59
N LYS D 115 -3.62 -6.06 -21.41
CA LYS D 115 -4.83 -5.26 -21.41
C LYS D 115 -5.76 -5.74 -22.53
N VAL D 116 -7.02 -6.07 -22.18
CA VAL D 116 -8.10 -6.38 -23.08
C VAL D 116 -9.04 -5.17 -23.15
N ASN D 117 -9.14 -4.57 -24.34
CA ASN D 117 -10.07 -3.45 -24.56
C ASN D 117 -11.51 -3.96 -24.62
N ALA D 118 -12.46 -3.07 -24.32
CA ALA D 118 -13.88 -3.41 -24.25
C ALA D 118 -14.46 -3.60 -25.65
N PRO D 119 -15.53 -4.42 -25.81
CA PRO D 119 -16.14 -4.63 -27.13
C PRO D 119 -16.86 -3.39 -27.64
N TYR D 120 -16.86 -3.19 -28.97
CA TYR D 120 -17.61 -2.12 -29.62
C TYR D 120 -19.12 -2.37 -29.59
N ALA D 121 -19.59 -3.41 -30.31
CA ALA D 121 -20.97 -3.59 -30.72
C ALA D 121 -21.56 -2.32 -31.36
N ALA D 122 -20.72 -1.54 -32.08
CA ALA D 122 -21.06 -0.20 -32.56
C ALA D 122 -20.07 0.23 -33.66
N ALA E 4 1.91 -35.33 -10.50
CA ALA E 4 2.82 -34.20 -10.83
C ALA E 4 3.68 -33.87 -9.61
N PHE E 5 4.91 -33.40 -9.86
CA PHE E 5 5.83 -32.95 -8.82
C PHE E 5 5.23 -31.77 -8.06
N THR E 6 5.21 -31.85 -6.72
CA THR E 6 4.52 -30.88 -5.86
C THR E 6 5.46 -30.42 -4.75
N VAL E 7 5.52 -29.10 -4.54
CA VAL E 7 6.23 -28.49 -3.42
C VAL E 7 5.21 -28.22 -2.33
N THR E 8 5.62 -28.45 -1.08
CA THR E 8 4.75 -28.20 0.07
C THR E 8 5.49 -27.27 1.03
N VAL E 9 4.67 -26.51 1.79
CA VAL E 9 5.14 -25.66 2.87
C VAL E 9 4.50 -26.16 4.15
N PRO E 10 5.28 -26.46 5.23
CA PRO E 10 4.68 -26.83 6.51
C PRO E 10 3.84 -25.69 7.09
N LYS E 11 4.28 -24.44 6.90
CA LYS E 11 3.52 -23.25 7.23
C LYS E 11 3.60 -22.28 6.05
N ASP E 12 2.50 -21.58 5.78
CA ASP E 12 2.49 -20.53 4.77
C ASP E 12 2.46 -19.13 5.41
N LEU E 13 2.67 -19.08 6.74
CA LEU E 13 2.75 -17.85 7.51
C LEU E 13 3.71 -18.07 8.66
N TYR E 14 4.80 -17.29 8.70
CA TYR E 14 5.70 -17.23 9.85
C TYR E 14 5.55 -15.88 10.56
N VAL E 15 5.36 -15.92 11.89
CA VAL E 15 5.43 -14.73 12.73
C VAL E 15 6.77 -14.76 13.46
N VAL E 16 7.66 -13.80 13.18
CA VAL E 16 9.03 -13.83 13.71
C VAL E 16 9.32 -12.54 14.48
N GLU E 17 10.26 -12.63 15.43
CA GLU E 17 10.58 -11.52 16.32
C GLU E 17 11.70 -10.68 15.71
N TYR E 18 11.62 -9.36 15.88
CA TYR E 18 12.62 -8.46 15.33
C TYR E 18 13.99 -8.86 15.88
N GLY E 19 14.99 -8.88 15.01
CA GLY E 19 16.36 -9.17 15.39
C GLY E 19 16.67 -10.67 15.50
N SER E 20 15.65 -11.56 15.53
CA SER E 20 15.88 -12.99 15.60
C SER E 20 16.37 -13.50 14.25
N ASN E 21 16.66 -14.81 14.19
CA ASN E 21 16.89 -15.51 12.94
C ASN E 21 15.64 -16.29 12.57
N MET E 22 15.43 -16.39 11.25
CA MET E 22 14.21 -16.91 10.67
C MET E 22 14.63 -18.01 9.69
N THR E 23 13.98 -19.18 9.76
CA THR E 23 14.20 -20.24 8.81
C THR E 23 12.86 -20.64 8.21
N ILE E 24 12.71 -20.49 6.88
CA ILE E 24 11.49 -20.83 6.16
C ILE E 24 11.79 -21.95 5.19
N GLU E 25 10.80 -22.83 4.97
CA GLU E 25 11.02 -24.16 4.41
C GLU E 25 10.02 -24.45 3.28
N CYS E 26 10.55 -25.03 2.20
CA CYS E 26 9.78 -25.68 1.16
C CYS E 26 10.30 -27.10 0.98
N LYS E 27 9.37 -28.05 1.06
CA LYS E 27 9.67 -29.47 0.97
C LYS E 27 9.37 -29.93 -0.46
N PHE E 28 10.23 -30.82 -0.98
CA PHE E 28 10.01 -31.42 -2.29
C PHE E 28 10.44 -32.89 -2.23
N PRO E 29 9.80 -33.81 -3.01
CA PRO E 29 10.11 -35.24 -2.93
C PRO E 29 11.51 -35.58 -3.43
N VAL E 30 12.27 -36.33 -2.62
CA VAL E 30 13.46 -37.03 -3.07
C VAL E 30 13.28 -38.51 -2.76
N GLU E 31 12.92 -39.31 -3.78
CA GLU E 31 12.75 -40.75 -3.65
C GLU E 31 14.10 -41.46 -3.45
N LYS E 32 15.04 -41.26 -4.39
CA LYS E 32 16.28 -42.02 -4.40
C LYS E 32 17.30 -41.31 -3.49
N GLN E 33 18.55 -41.17 -3.96
CA GLN E 33 19.48 -40.15 -3.49
C GLN E 33 19.24 -38.86 -4.29
N LEU E 34 19.87 -37.77 -3.83
CA LEU E 34 19.76 -36.46 -4.44
C LEU E 34 20.63 -36.37 -5.69
N ASP E 35 20.14 -35.65 -6.70
CA ASP E 35 20.82 -35.39 -7.95
C ASP E 35 21.06 -33.88 -8.06
N LEU E 36 22.25 -33.42 -7.65
CA LEU E 36 22.57 -32.01 -7.53
C LEU E 36 22.61 -31.31 -8.89
N ALA E 37 22.92 -32.04 -9.98
CA ALA E 37 23.02 -31.47 -11.31
C ALA E 37 21.65 -31.02 -11.85
N ALA E 38 20.58 -31.73 -11.45
CA ALA E 38 19.23 -31.50 -11.95
C ALA E 38 18.40 -30.56 -11.06
N LEU E 39 18.99 -30.04 -9.97
CA LEU E 39 18.27 -29.33 -8.92
C LEU E 39 18.52 -27.83 -9.04
N ILE E 40 17.44 -27.07 -9.21
CA ILE E 40 17.46 -25.61 -9.10
C ILE E 40 16.55 -25.23 -7.94
N VAL E 41 17.03 -24.37 -7.03
CA VAL E 41 16.25 -23.83 -5.93
C VAL E 41 16.46 -22.32 -5.91
N TYR E 42 15.36 -21.57 -6.01
CA TYR E 42 15.40 -20.11 -6.05
C TYR E 42 14.46 -19.58 -4.98
N TRP E 43 14.93 -18.63 -4.18
CA TRP E 43 14.11 -17.88 -3.24
C TRP E 43 14.15 -16.42 -3.64
N GLU E 44 12.97 -15.77 -3.72
CA GLU E 44 12.90 -14.34 -3.95
C GLU E 44 11.79 -13.72 -3.13
N MET E 45 11.94 -12.40 -2.92
CA MET E 45 10.92 -11.55 -2.32
C MET E 45 10.92 -10.26 -3.11
N GLU E 46 9.74 -9.86 -3.61
CA GLU E 46 9.55 -8.60 -4.32
C GLU E 46 10.60 -8.44 -5.42
N ASP E 47 10.83 -9.51 -6.18
CA ASP E 47 11.77 -9.56 -7.30
C ASP E 47 13.24 -9.47 -6.87
N LYS E 48 13.58 -9.46 -5.57
CA LYS E 48 14.97 -9.44 -5.14
C LYS E 48 15.49 -10.88 -5.03
N ASN E 49 16.60 -11.17 -5.70
CA ASN E 49 17.25 -12.48 -5.70
C ASN E 49 17.87 -12.74 -4.33
N ILE E 50 17.28 -13.66 -3.54
CA ILE E 50 17.76 -13.97 -2.19
C ILE E 50 18.83 -15.07 -2.25
N ILE E 51 18.46 -16.23 -2.81
CA ILE E 51 19.40 -17.32 -2.97
C ILE E 51 18.99 -18.09 -4.22
N GLN E 52 19.97 -18.37 -5.09
CA GLN E 52 19.79 -19.26 -6.22
C GLN E 52 20.80 -20.40 -6.10
N PHE E 53 20.31 -21.63 -6.01
CA PHE E 53 21.12 -22.83 -6.05
C PHE E 53 20.95 -23.50 -7.40
N VAL E 54 21.99 -23.40 -8.27
CA VAL E 54 21.91 -23.94 -9.61
C VAL E 54 23.10 -24.89 -9.83
N HIS E 55 22.80 -26.15 -10.19
CA HIS E 55 23.76 -27.17 -10.55
C HIS E 55 24.76 -27.37 -9.40
N GLY E 56 24.26 -27.76 -8.22
CA GLY E 56 25.10 -28.12 -7.10
C GLY E 56 25.87 -26.97 -6.43
N GLU E 57 25.55 -25.71 -6.75
CA GLU E 57 26.28 -24.59 -6.15
C GLU E 57 25.40 -23.33 -6.11
N GLU E 58 25.54 -22.55 -5.02
CA GLU E 58 24.86 -21.27 -4.90
C GLU E 58 25.61 -20.21 -5.72
N ASP E 59 24.86 -19.19 -6.16
CA ASP E 59 25.30 -18.14 -7.06
C ASP E 59 25.25 -16.85 -6.25
N LEU E 60 26.37 -16.50 -5.59
CA LEU E 60 26.47 -15.29 -4.78
C LEU E 60 26.73 -14.06 -5.65
N LYS E 61 27.29 -14.21 -6.88
CA LYS E 61 27.06 -13.23 -7.94
C LYS E 61 25.56 -13.36 -8.18
N VAL E 62 24.90 -12.26 -8.49
CA VAL E 62 23.46 -12.21 -8.81
C VAL E 62 22.62 -11.99 -7.54
N GLN E 63 23.05 -12.48 -6.34
CA GLN E 63 22.34 -12.22 -5.10
C GLN E 63 22.21 -10.72 -4.89
N HIS E 64 21.03 -10.29 -4.42
CA HIS E 64 20.73 -8.87 -4.23
C HIS E 64 21.50 -8.35 -3.03
N SER E 65 21.96 -7.09 -3.09
CA SER E 65 22.81 -6.43 -2.11
C SER E 65 22.25 -6.52 -0.68
N SER E 66 20.93 -6.34 -0.55
CA SER E 66 20.21 -6.36 0.72
C SER E 66 20.21 -7.73 1.41
N TYR E 67 20.67 -8.80 0.72
CA TYR E 67 20.75 -10.15 1.27
C TYR E 67 22.20 -10.65 1.31
N ARG E 68 23.19 -9.79 1.01
CA ARG E 68 24.60 -10.17 0.93
C ARG E 68 25.05 -10.58 2.33
N GLN E 69 25.33 -11.87 2.53
CA GLN E 69 25.90 -12.43 3.75
C GLN E 69 24.89 -12.45 4.92
N ARG E 70 23.58 -12.44 4.64
CA ARG E 70 22.53 -12.66 5.64
C ARG E 70 21.64 -13.87 5.33
N ALA E 71 21.47 -14.16 4.04
CA ALA E 71 20.59 -15.21 3.55
C ALA E 71 21.44 -16.36 3.08
N ARG E 72 21.07 -17.58 3.48
CA ARG E 72 21.78 -18.77 3.06
C ARG E 72 20.80 -19.93 3.02
N LEU E 73 21.03 -20.86 2.09
CA LEU E 73 20.33 -22.12 2.02
C LEU E 73 21.08 -23.15 2.85
N LEU E 74 20.36 -23.93 3.66
CA LEU E 74 20.96 -24.95 4.51
C LEU E 74 21.19 -26.20 3.65
N LYS E 75 22.42 -26.35 3.12
CA LYS E 75 22.74 -27.36 2.11
C LYS E 75 22.45 -28.77 2.61
N ASP E 76 22.84 -29.06 3.86
CA ASP E 76 22.50 -30.31 4.54
C ASP E 76 21.05 -30.71 4.31
N GLN E 77 20.11 -29.76 4.45
CA GLN E 77 18.68 -30.05 4.39
C GLN E 77 18.20 -30.45 3.00
N LEU E 78 18.94 -30.05 1.95
CA LEU E 78 18.54 -30.32 0.58
C LEU E 78 18.40 -31.81 0.31
N SER E 79 19.37 -32.61 0.80
CA SER E 79 19.35 -34.07 0.68
C SER E 79 18.09 -34.72 1.30
N LEU E 80 17.50 -34.07 2.31
CA LEU E 80 16.28 -34.54 2.95
C LEU E 80 15.03 -34.08 2.20
N GLY E 81 15.17 -33.30 1.12
CA GLY E 81 14.05 -32.78 0.34
C GLY E 81 13.45 -31.53 0.99
N ASN E 82 14.33 -30.65 1.50
CA ASN E 82 13.94 -29.49 2.27
C ASN E 82 14.83 -28.31 1.85
N ALA E 83 14.23 -27.38 1.09
CA ALA E 83 14.85 -26.11 0.78
C ALA E 83 14.62 -25.16 1.95
N ALA E 84 15.61 -24.99 2.82
CA ALA E 84 15.46 -24.20 4.04
C ALA E 84 16.26 -22.89 3.89
N LEU E 85 15.56 -21.76 3.91
CA LEU E 85 16.19 -20.44 3.82
C LEU E 85 16.35 -19.88 5.23
N GLN E 86 17.58 -19.56 5.60
CA GLN E 86 17.86 -18.84 6.83
C GLN E 86 18.19 -17.38 6.50
N ILE E 87 17.40 -16.46 7.07
CA ILE E 87 17.73 -15.04 7.08
C ILE E 87 18.15 -14.70 8.51
N THR E 88 19.30 -14.04 8.63
CA THR E 88 19.88 -13.70 9.91
C THR E 88 19.61 -12.23 10.18
N ASP E 89 19.20 -11.91 11.43
CA ASP E 89 19.01 -10.54 11.92
C ASP E 89 17.81 -9.93 11.17
N VAL E 90 16.62 -10.44 11.49
CA VAL E 90 15.39 -10.04 10.80
C VAL E 90 15.02 -8.61 11.19
N LYS E 91 14.76 -7.77 10.21
CA LYS E 91 14.22 -6.42 10.40
C LYS E 91 12.79 -6.37 9.85
N LEU E 92 12.09 -5.26 10.12
CA LEU E 92 10.70 -5.04 9.70
C LEU E 92 10.57 -5.02 8.18
N GLN E 93 11.60 -4.55 7.47
CA GLN E 93 11.73 -4.58 6.02
C GLN E 93 11.70 -6.00 5.44
N ASP E 94 11.95 -7.04 6.25
CA ASP E 94 11.90 -8.43 5.82
C ASP E 94 10.50 -9.03 5.91
N ALA E 95 9.50 -8.29 6.44
CA ALA E 95 8.10 -8.68 6.31
C ALA E 95 7.64 -8.63 4.85
N GLY E 96 6.84 -9.62 4.44
CA GLY E 96 6.41 -9.68 3.05
C GLY E 96 6.21 -11.12 2.58
N VAL E 97 6.09 -11.25 1.25
CA VAL E 97 5.69 -12.49 0.61
C VAL E 97 6.94 -13.06 -0.07
N TYR E 98 7.38 -14.22 0.46
CA TYR E 98 8.50 -14.98 -0.05
C TYR E 98 7.97 -16.06 -1.00
N ARG E 99 8.74 -16.34 -2.05
CA ARG E 99 8.40 -17.28 -3.09
C ARG E 99 9.60 -18.22 -3.21
N CYS E 100 9.38 -19.53 -3.07
CA CYS E 100 10.41 -20.51 -3.40
C CYS E 100 10.01 -21.24 -4.66
N MET E 101 10.97 -21.43 -5.58
CA MET E 101 10.76 -22.09 -6.84
C MET E 101 11.76 -23.23 -6.93
N ILE E 102 11.25 -24.44 -7.22
CA ILE E 102 12.07 -25.65 -7.26
C ILE E 102 11.85 -26.34 -8.60
N SER E 103 12.96 -26.72 -9.26
CA SER E 103 12.99 -27.55 -10.46
C SER E 103 13.81 -28.79 -10.13
N TYR E 104 13.18 -29.97 -10.14
CA TYR E 104 13.82 -31.24 -9.83
C TYR E 104 12.95 -32.36 -10.39
N GLY E 105 13.12 -32.66 -11.69
CA GLY E 105 12.32 -33.65 -12.41
C GLY E 105 10.83 -33.32 -12.38
N GLY E 106 10.48 -32.13 -12.86
CA GLY E 106 9.24 -31.45 -12.50
C GLY E 106 9.55 -30.13 -11.81
N ALA E 107 8.52 -29.28 -11.68
CA ALA E 107 8.72 -27.95 -11.12
C ALA E 107 7.44 -27.44 -10.48
N ASP E 108 7.62 -26.70 -9.39
CA ASP E 108 6.53 -26.07 -8.64
C ASP E 108 7.12 -24.91 -7.85
N TYR E 109 6.23 -24.03 -7.38
CA TYR E 109 6.61 -22.96 -6.47
C TYR E 109 5.49 -22.75 -5.45
N LYS E 110 5.84 -22.14 -4.31
CA LYS E 110 4.88 -21.82 -3.27
C LYS E 110 5.25 -20.46 -2.68
N ARG E 111 4.23 -19.81 -2.10
CA ARG E 111 4.33 -18.49 -1.49
C ARG E 111 4.27 -18.62 0.02
N ILE E 112 5.09 -17.83 0.74
CA ILE E 112 5.13 -17.82 2.20
C ILE E 112 5.12 -16.35 2.65
N THR E 113 4.24 -16.04 3.62
CA THR E 113 4.12 -14.70 4.17
C THR E 113 4.92 -14.64 5.47
N VAL E 114 5.71 -13.58 5.64
CA VAL E 114 6.42 -13.34 6.89
C VAL E 114 5.88 -12.06 7.50
N LYS E 115 5.41 -12.16 8.75
CA LYS E 115 5.13 -11.04 9.63
C LYS E 115 6.29 -10.89 10.62
N VAL E 116 6.83 -9.66 10.73
CA VAL E 116 7.86 -9.33 11.70
C VAL E 116 7.25 -8.47 12.81
N ASN E 117 7.11 -9.02 14.04
CA ASN E 117 6.68 -8.23 15.18
C ASN E 117 7.79 -7.31 15.64
N ALA E 118 7.43 -6.21 16.30
CA ALA E 118 8.36 -5.40 17.09
C ALA E 118 8.70 -6.11 18.40
N PRO E 119 9.89 -5.90 19.01
CA PRO E 119 10.27 -6.60 20.25
C PRO E 119 9.41 -6.13 21.42
N TYR E 120 8.75 -7.09 22.10
CA TYR E 120 7.58 -6.85 22.94
C TYR E 120 7.49 -7.93 24.02
N ALA F 4 -22.45 -3.31 6.77
CA ALA F 4 -22.40 -2.81 5.37
C ALA F 4 -23.49 -3.50 4.56
N PHE F 5 -24.02 -2.79 3.56
CA PHE F 5 -24.98 -3.34 2.61
C PHE F 5 -24.33 -4.46 1.81
N THR F 6 -24.98 -5.64 1.76
CA THR F 6 -24.43 -6.85 1.15
C THR F 6 -25.47 -7.46 0.22
N VAL F 7 -25.01 -7.85 -0.99
CA VAL F 7 -25.81 -8.59 -1.94
C VAL F 7 -25.44 -10.06 -1.79
N THR F 8 -26.46 -10.92 -1.89
CA THR F 8 -26.35 -12.36 -1.72
C THR F 8 -26.87 -13.04 -2.98
N VAL F 9 -26.30 -14.21 -3.27
CA VAL F 9 -26.72 -15.07 -4.37
C VAL F 9 -27.06 -16.43 -3.75
N PRO F 10 -28.26 -17.01 -4.01
CA PRO F 10 -28.58 -18.34 -3.53
C PRO F 10 -27.66 -19.41 -4.12
N LYS F 11 -27.27 -19.24 -5.39
CA LYS F 11 -26.25 -20.04 -6.06
C LYS F 11 -25.34 -19.09 -6.82
N ASP F 12 -24.04 -19.39 -6.87
CA ASP F 12 -23.11 -18.66 -7.72
C ASP F 12 -22.73 -19.48 -8.98
N LEU F 13 -23.39 -20.62 -9.17
CA LEU F 13 -23.33 -21.42 -10.38
C LEU F 13 -24.74 -21.94 -10.67
N TYR F 14 -25.26 -21.62 -11.86
CA TYR F 14 -26.46 -22.26 -12.40
C TYR F 14 -26.07 -23.18 -13.56
N VAL F 15 -26.55 -24.44 -13.50
CA VAL F 15 -26.46 -25.38 -14.61
C VAL F 15 -27.85 -25.43 -15.25
N VAL F 16 -27.97 -25.00 -16.52
CA VAL F 16 -29.27 -24.84 -17.17
C VAL F 16 -29.30 -25.64 -18.47
N GLU F 17 -30.52 -26.02 -18.89
CA GLU F 17 -30.70 -26.89 -20.05
C GLU F 17 -30.90 -26.04 -21.29
N TYR F 18 -30.34 -26.48 -22.42
CA TYR F 18 -30.40 -25.73 -23.66
C TYR F 18 -31.87 -25.53 -24.01
N GLY F 19 -32.21 -24.32 -24.43
CA GLY F 19 -33.55 -23.98 -24.88
C GLY F 19 -34.52 -23.64 -23.74
N SER F 20 -34.17 -23.97 -22.47
CA SER F 20 -35.03 -23.65 -21.33
C SER F 20 -34.95 -22.16 -21.04
N ASN F 21 -35.74 -21.73 -20.05
CA ASN F 21 -35.66 -20.38 -19.50
C ASN F 21 -34.91 -20.45 -18.18
N MET F 22 -34.15 -19.38 -17.92
CA MET F 22 -33.19 -19.32 -16.83
C MET F 22 -33.55 -18.08 -16.00
N THR F 23 -33.63 -18.26 -14.68
CA THR F 23 -33.85 -17.15 -13.78
C THR F 23 -32.71 -17.13 -12.75
N ILE F 24 -31.90 -16.06 -12.76
CA ILE F 24 -30.81 -15.89 -11.83
C ILE F 24 -31.10 -14.69 -10.93
N GLU F 25 -30.65 -14.79 -9.69
CA GLU F 25 -31.16 -13.97 -8.59
C GLU F 25 -30.01 -13.40 -7.77
N CYS F 26 -30.16 -12.10 -7.44
CA CYS F 26 -29.39 -11.42 -6.42
C CYS F 26 -30.34 -10.82 -5.41
N LYS F 27 -30.12 -11.16 -4.14
CA LYS F 27 -30.94 -10.71 -3.03
C LYS F 27 -30.24 -9.52 -2.37
N PHE F 28 -31.02 -8.53 -1.95
CA PHE F 28 -30.52 -7.38 -1.22
C PHE F 28 -31.52 -6.98 -0.13
N PRO F 29 -31.08 -6.42 1.03
CA PRO F 29 -32.00 -6.12 2.13
C PRO F 29 -32.98 -4.99 1.81
N VAL F 30 -34.28 -5.24 2.03
CA VAL F 30 -35.30 -4.22 2.12
C VAL F 30 -36.00 -4.40 3.46
N GLU F 31 -35.65 -3.56 4.46
CA GLU F 31 -36.39 -3.49 5.72
C GLU F 31 -37.80 -2.92 5.52
N LYS F 32 -37.92 -1.72 4.94
CA LYS F 32 -39.16 -0.95 5.01
C LYS F 32 -40.01 -1.34 3.79
N GLN F 33 -40.59 -0.34 3.10
CA GLN F 33 -41.00 -0.44 1.71
C GLN F 33 -39.80 -0.11 0.81
N LEU F 34 -40.00 -0.10 -0.52
CA LEU F 34 -38.94 -0.34 -1.48
C LEU F 34 -38.16 0.90 -1.88
N ASP F 35 -38.78 2.06 -2.12
CA ASP F 35 -38.09 3.26 -2.60
C ASP F 35 -37.41 3.09 -3.97
N LEU F 36 -38.24 3.20 -5.02
CA LEU F 36 -37.84 2.97 -6.40
C LEU F 36 -36.86 4.04 -6.89
N ALA F 37 -36.92 5.25 -6.32
CA ALA F 37 -36.06 6.35 -6.73
C ALA F 37 -34.59 6.11 -6.37
N ALA F 38 -34.34 5.38 -5.27
CA ALA F 38 -32.99 5.16 -4.74
C ALA F 38 -32.36 3.85 -5.24
N LEU F 39 -33.09 3.07 -6.09
CA LEU F 39 -32.70 1.73 -6.47
C LEU F 39 -32.16 1.72 -7.89
N ILE F 40 -30.90 1.28 -8.04
CA ILE F 40 -30.32 0.97 -9.35
C ILE F 40 -29.95 -0.51 -9.35
N VAL F 41 -30.37 -1.22 -10.41
CA VAL F 41 -30.05 -2.63 -10.59
C VAL F 41 -29.53 -2.81 -12.03
N TYR F 42 -28.32 -3.36 -12.16
CA TYR F 42 -27.67 -3.55 -13.43
C TYR F 42 -27.23 -5.01 -13.54
N TRP F 43 -27.53 -5.65 -14.66
CA TRP F 43 -27.04 -6.97 -15.01
C TRP F 43 -26.21 -6.87 -16.27
N GLU F 44 -24.99 -7.43 -16.28
CA GLU F 44 -24.19 -7.50 -17.48
C GLU F 44 -23.44 -8.82 -17.58
N MET F 45 -23.03 -9.15 -18.80
CA MET F 45 -22.15 -10.27 -19.11
C MET F 45 -21.21 -9.79 -20.22
N GLU F 46 -19.90 -9.96 -20.03
CA GLU F 46 -18.88 -9.61 -21.00
C GLU F 46 -19.08 -8.20 -21.52
N ASP F 47 -19.36 -7.27 -20.61
CA ASP F 47 -19.57 -5.84 -20.90
C ASP F 47 -20.88 -5.57 -21.64
N LYS F 48 -21.73 -6.55 -21.95
CA LYS F 48 -22.97 -6.31 -22.66
C LYS F 48 -24.08 -5.97 -21.66
N ASN F 49 -24.74 -4.83 -21.87
CA ASN F 49 -25.82 -4.32 -21.02
C ASN F 49 -27.05 -5.21 -21.20
N ILE F 50 -27.40 -6.02 -20.18
CA ILE F 50 -28.54 -6.94 -20.24
C ILE F 50 -29.80 -6.23 -19.77
N ILE F 51 -29.78 -5.69 -18.54
CA ILE F 51 -30.91 -4.94 -18.01
C ILE F 51 -30.35 -3.89 -17.06
N GLN F 52 -30.79 -2.64 -17.20
CA GLN F 52 -30.49 -1.56 -16.28
C GLN F 52 -31.83 -1.00 -15.76
N PHE F 53 -32.05 -1.09 -14.45
CA PHE F 53 -33.22 -0.52 -13.81
C PHE F 53 -32.77 0.69 -13.00
N VAL F 54 -33.08 1.90 -13.50
CA VAL F 54 -32.63 3.13 -12.88
C VAL F 54 -33.85 4.02 -12.62
N HIS F 55 -34.01 4.41 -11.35
CA HIS F 55 -35.05 5.31 -10.87
C HIS F 55 -36.43 4.78 -11.28
N GLY F 56 -36.77 3.57 -10.81
CA GLY F 56 -38.12 3.04 -11.00
C GLY F 56 -38.48 2.63 -12.44
N GLU F 57 -37.52 2.56 -13.37
CA GLU F 57 -37.83 2.21 -14.75
C GLU F 57 -36.62 1.56 -15.42
N GLU F 58 -36.89 0.55 -16.26
CA GLU F 58 -35.86 -0.10 -17.06
C GLU F 58 -35.56 0.76 -18.28
N ASP F 59 -34.31 0.67 -18.76
CA ASP F 59 -33.74 1.51 -19.81
C ASP F 59 -33.51 0.54 -20.97
N LEU F 60 -34.49 0.44 -21.89
CA LEU F 60 -34.43 -0.46 -23.05
C LEU F 60 -33.61 0.16 -24.19
N LYS F 61 -33.36 1.48 -24.11
CA LYS F 61 -32.51 2.20 -25.07
C LYS F 61 -31.09 1.64 -25.09
N VAL F 62 -30.43 1.54 -23.91
CA VAL F 62 -29.03 1.14 -23.81
C VAL F 62 -28.85 -0.38 -23.80
N GLN F 63 -29.93 -1.17 -23.70
CA GLN F 63 -29.87 -2.62 -23.70
C GLN F 63 -29.19 -3.11 -24.98
N HIS F 64 -28.31 -4.10 -24.82
CA HIS F 64 -27.53 -4.64 -25.93
C HIS F 64 -28.45 -5.46 -26.83
N SER F 65 -28.20 -5.40 -28.15
CA SER F 65 -29.04 -5.97 -29.21
C SER F 65 -29.34 -7.46 -28.99
N SER F 66 -28.31 -8.20 -28.55
CA SER F 66 -28.36 -9.62 -28.29
C SER F 66 -29.31 -10.03 -27.16
N TYR F 67 -29.82 -9.06 -26.37
CA TYR F 67 -30.74 -9.29 -25.27
C TYR F 67 -32.08 -8.58 -25.48
N ARG F 68 -32.32 -8.02 -26.68
CA ARG F 68 -33.54 -7.30 -27.02
C ARG F 68 -34.70 -8.28 -26.95
N GLN F 69 -35.58 -8.11 -25.96
CA GLN F 69 -36.84 -8.85 -25.82
C GLN F 69 -36.62 -10.31 -25.40
N ARG F 70 -35.47 -10.65 -24.78
CA ARG F 70 -35.25 -11.96 -24.17
C ARG F 70 -34.98 -11.89 -22.66
N ALA F 71 -34.36 -10.77 -22.24
CA ALA F 71 -33.98 -10.53 -20.86
C ALA F 71 -34.95 -9.54 -20.25
N ARG F 72 -35.39 -9.84 -19.04
CA ARG F 72 -36.29 -8.97 -18.30
C ARG F 72 -36.05 -9.18 -16.81
N LEU F 73 -36.23 -8.10 -16.06
CA LEU F 73 -36.23 -8.13 -14.61
C LEU F 73 -37.65 -8.37 -14.12
N LEU F 74 -37.82 -9.27 -13.14
CA LEU F 74 -39.14 -9.62 -12.64
C LEU F 74 -39.77 -8.63 -11.64
N LYS F 75 -39.49 -7.33 -11.68
CA LYS F 75 -40.32 -6.24 -11.14
C LYS F 75 -41.02 -6.50 -9.79
N ASP F 76 -42.09 -7.32 -9.79
CA ASP F 76 -42.68 -8.04 -8.67
C ASP F 76 -41.65 -8.30 -7.55
N GLN F 77 -40.60 -9.00 -7.93
CA GLN F 77 -39.62 -9.54 -6.99
C GLN F 77 -38.78 -8.47 -6.32
N LEU F 78 -38.66 -7.29 -6.94
CA LEU F 78 -37.83 -6.21 -6.41
C LEU F 78 -38.27 -5.80 -5.01
N SER F 79 -39.59 -5.67 -4.79
CA SER F 79 -40.16 -5.33 -3.48
C SER F 79 -39.80 -6.33 -2.39
N LEU F 80 -39.53 -7.61 -2.75
CA LEU F 80 -39.12 -8.63 -1.81
C LEU F 80 -37.60 -8.62 -1.58
N GLY F 81 -36.86 -7.73 -2.25
CA GLY F 81 -35.42 -7.65 -2.13
C GLY F 81 -34.70 -8.69 -3.00
N ASN F 82 -35.21 -8.87 -4.23
CA ASN F 82 -34.76 -9.92 -5.13
C ASN F 82 -34.71 -9.35 -6.56
N ALA F 83 -33.49 -9.10 -7.04
CA ALA F 83 -33.24 -8.76 -8.43
C ALA F 83 -33.17 -10.04 -9.24
N ALA F 84 -34.26 -10.41 -9.92
CA ALA F 84 -34.36 -11.68 -10.63
C ALA F 84 -34.30 -11.43 -12.13
N LEU F 85 -33.27 -11.94 -12.80
CA LEU F 85 -33.11 -11.82 -14.23
C LEU F 85 -33.64 -13.09 -14.90
N GLN F 86 -34.61 -12.93 -15.80
CA GLN F 86 -35.05 -14.02 -16.64
C GLN F 86 -34.49 -13.81 -18.04
N ILE F 87 -33.72 -14.81 -18.52
CA ILE F 87 -33.34 -14.92 -19.92
C ILE F 87 -34.16 -16.07 -20.51
N THR F 88 -34.77 -15.79 -21.66
CA THR F 88 -35.65 -16.76 -22.31
C THR F 88 -34.89 -17.40 -23.46
N ASP F 89 -35.01 -18.73 -23.61
CA ASP F 89 -34.51 -19.49 -24.75
C ASP F 89 -32.99 -19.49 -24.69
N VAL F 90 -32.45 -20.20 -23.69
CA VAL F 90 -31.02 -20.19 -23.40
C VAL F 90 -30.30 -21.00 -24.48
N LYS F 91 -29.25 -20.40 -25.08
CA LYS F 91 -28.33 -21.08 -25.96
C LYS F 91 -26.98 -21.25 -25.28
N LEU F 92 -26.09 -22.03 -25.91
CA LEU F 92 -24.76 -22.32 -25.38
C LEU F 92 -23.90 -21.05 -25.26
N GLN F 93 -24.12 -20.10 -26.16
CA GLN F 93 -23.53 -18.76 -26.15
C GLN F 93 -23.88 -17.96 -24.88
N ASP F 94 -24.93 -18.35 -24.13
CA ASP F 94 -25.29 -17.69 -22.87
C ASP F 94 -24.54 -18.24 -21.66
N ALA F 95 -23.71 -19.30 -21.83
CA ALA F 95 -22.75 -19.70 -20.80
C ALA F 95 -21.69 -18.63 -20.57
N GLY F 96 -21.32 -18.42 -19.31
CA GLY F 96 -20.41 -17.34 -18.96
C GLY F 96 -20.66 -16.78 -17.57
N VAL F 97 -19.99 -15.65 -17.30
CA VAL F 97 -19.98 -15.02 -15.99
C VAL F 97 -20.87 -13.79 -16.05
N TYR F 98 -21.98 -13.85 -15.31
CA TYR F 98 -22.94 -12.76 -15.16
C TYR F 98 -22.59 -11.98 -13.88
N ARG F 99 -22.84 -10.68 -13.89
CA ARG F 99 -22.50 -9.75 -12.84
C ARG F 99 -23.78 -8.96 -12.56
N CYS F 100 -24.27 -8.96 -11.32
CA CYS F 100 -25.33 -8.06 -10.92
C CYS F 100 -24.78 -7.00 -9.98
N MET F 101 -25.18 -5.76 -10.19
CA MET F 101 -24.71 -4.62 -9.41
C MET F 101 -25.94 -3.92 -8.87
N ILE F 102 -25.97 -3.70 -7.55
CA ILE F 102 -27.10 -3.09 -6.88
C ILE F 102 -26.61 -1.89 -6.08
N SER F 103 -27.30 -0.76 -6.22
CA SER F 103 -27.15 0.44 -5.40
C SER F 103 -28.50 0.71 -4.72
N TYR F 104 -28.52 0.62 -3.38
CA TYR F 104 -29.71 0.87 -2.59
C TYR F 104 -29.27 1.19 -1.15
N GLY F 105 -28.94 2.47 -0.90
CA GLY F 105 -28.44 2.92 0.39
C GLY F 105 -26.93 2.76 0.46
N GLY F 106 -26.46 1.51 0.35
CA GLY F 106 -25.09 1.20 -0.03
C GLY F 106 -25.05 0.50 -1.39
N ALA F 107 -23.97 -0.22 -1.65
CA ALA F 107 -23.78 -0.84 -2.95
C ALA F 107 -22.88 -2.06 -2.84
N ASP F 108 -23.20 -3.06 -3.67
CA ASP F 108 -22.44 -4.30 -3.76
C ASP F 108 -22.73 -4.91 -5.14
N TYR F 109 -21.89 -5.87 -5.54
CA TYR F 109 -22.12 -6.66 -6.72
C TYR F 109 -21.69 -8.09 -6.45
N LYS F 110 -22.21 -9.03 -7.24
CA LYS F 110 -21.84 -10.43 -7.15
C LYS F 110 -21.75 -10.99 -8.57
N ARG F 111 -20.95 -12.06 -8.69
CA ARG F 111 -20.70 -12.76 -9.94
C ARG F 111 -21.44 -14.09 -9.92
N ILE F 112 -22.06 -14.47 -11.05
CA ILE F 112 -22.76 -15.73 -11.20
C ILE F 112 -22.28 -16.37 -12.50
N THR F 113 -21.90 -17.66 -12.42
CA THR F 113 -21.46 -18.43 -13.56
C THR F 113 -22.64 -19.24 -14.06
N VAL F 114 -22.85 -19.25 -15.38
CA VAL F 114 -23.87 -20.07 -16.01
C VAL F 114 -23.17 -21.09 -16.90
N LYS F 115 -23.44 -22.38 -16.64
CA LYS F 115 -23.13 -23.47 -17.53
C LYS F 115 -24.41 -23.88 -18.26
N VAL F 116 -24.33 -23.98 -19.60
CA VAL F 116 -25.43 -24.43 -20.42
C VAL F 116 -25.12 -25.83 -20.94
N ASN F 117 -25.83 -26.87 -20.48
CA ASN F 117 -25.66 -28.21 -21.05
C ASN F 117 -26.36 -28.26 -22.40
N ALA F 118 -25.88 -29.11 -23.32
CA ALA F 118 -26.60 -29.44 -24.54
C ALA F 118 -27.68 -30.47 -24.20
N PRO F 119 -28.76 -30.64 -24.99
CA PRO F 119 -29.71 -31.73 -24.76
C PRO F 119 -29.07 -33.10 -25.06
N TYR F 120 -29.12 -34.06 -24.11
CA TYR F 120 -28.21 -35.21 -24.11
C TYR F 120 -28.33 -36.00 -22.81
N ALA F 121 -27.64 -35.57 -21.71
CA ALA F 121 -27.39 -36.39 -20.52
C ALA F 121 -27.84 -35.65 -19.26
#